data_7W9X
#
_entry.id   7W9X
#
_cell.length_a   62.664
_cell.length_b   114.522
_cell.length_c   118.736
_cell.angle_alpha   90.000
_cell.angle_beta   90.000
_cell.angle_gamma   90.000
#
_symmetry.space_group_name_H-M   'P 21 21 21'
#
loop_
_entity.id
_entity.type
_entity.pdbx_description
1 polymer 'Iron-containing alcohol dehydrogenase'
2 non-polymer 'NICKEL (II) ION'
3 water water
#
_entity_poly.entity_id   1
_entity_poly.type   'polypeptide(L)'
_entity_poly.pdbx_seq_one_letter_code
;GSAKDPMHNFTYWNPTKLIFGRGEVERLPEELKSYGKNVLLVYGGGSIKRSGLYDQVIEQLNKAGVTVHELAGVEPNPRV
STVNKGVALCKEHHIDFLLAVGGGSVIDCTKAIAAGAKYDGDAWDIVTKKHQPKDALPFGTVLTLAATGSEMNSGSVITN
WETKEKYGWGSPLVFPKFSILDPVNTFTVPKNHTIYGMVDMMSHVFEQYFHHVSNTPYQDRMCESLLRTVIETAPKLIND
LENYELRETILYTGTIALNGMLSMGARGDWATHNIEHAVSAVYDIPHAGGLAILFPNWMRHTLSENPARMKQLAVRVFGV
EEAGKTDKEVALEGIDKLSAFWTSLGAPNRLADYDINDEQLDTIADKAMANGTFGQFKSLNKEDVLAILKASL
;
_entity_poly.pdbx_strand_id   A,B
#
# COMPACT_ATOMS: atom_id res chain seq x y z
N MET A 7 6.03 -13.73 12.31
CA MET A 7 5.55 -12.43 11.85
C MET A 7 4.37 -11.99 12.72
N HIS A 8 4.37 -10.72 13.13
CA HIS A 8 3.31 -10.22 13.99
C HIS A 8 1.96 -10.23 13.28
N ASN A 9 0.90 -10.65 13.98
CA ASN A 9 -0.44 -10.47 13.45
C ASN A 9 -0.74 -8.99 13.29
N PHE A 10 -1.54 -8.66 12.28
CA PHE A 10 -1.79 -7.26 12.01
C PHE A 10 -3.12 -7.07 11.30
N THR A 11 -3.67 -5.88 11.50
CA THR A 11 -4.85 -5.39 10.82
C THR A 11 -4.44 -4.15 10.03
N TYR A 12 -4.67 -4.16 8.73
CA TYR A 12 -4.37 -2.99 7.91
C TYR A 12 -5.69 -2.39 7.44
N TRP A 13 -5.83 -1.08 7.62
CA TRP A 13 -6.98 -0.34 7.12
C TRP A 13 -6.57 1.13 6.93
N ASN A 14 -6.70 1.62 5.71
CA ASN A 14 -6.36 3.01 5.40
C ASN A 14 -7.31 3.49 4.33
N PRO A 15 -8.38 4.21 4.72
CA PRO A 15 -9.44 4.60 3.77
C PRO A 15 -9.20 5.92 3.05
N THR A 16 -8.01 6.53 3.17
CA THR A 16 -7.74 7.83 2.58
C THR A 16 -7.70 7.73 1.06
N LYS A 17 -8.40 8.61 0.36
CA LYS A 17 -8.30 8.65 -1.09
C LYS A 17 -7.10 9.54 -1.46
N LEU A 18 -6.13 9.01 -2.16
CA LEU A 18 -4.94 9.78 -2.55
C LEU A 18 -5.03 10.24 -4.00
N ILE A 19 -5.08 11.53 -4.21
CA ILE A 19 -5.16 12.11 -5.53
C ILE A 19 -3.82 12.74 -5.86
N PHE A 20 -3.14 12.20 -6.87
CA PHE A 20 -1.73 12.53 -7.12
C PHE A 20 -1.55 13.00 -8.56
N GLY A 21 -0.88 14.14 -8.74
CA GLY A 21 -0.50 14.56 -10.08
C GLY A 21 -0.56 16.06 -10.33
N ARG A 22 0.02 16.51 -11.46
CA ARG A 22 0.08 17.92 -11.77
C ARG A 22 -1.32 18.51 -11.96
N GLY A 23 -1.59 19.61 -11.25
CA GLY A 23 -2.84 20.34 -11.43
C GLY A 23 -4.05 19.75 -10.76
N GLU A 24 -3.88 18.73 -9.91
CA GLU A 24 -5.01 18.01 -9.31
C GLU A 24 -5.73 18.78 -8.19
N VAL A 25 -5.31 20.00 -7.85
CA VAL A 25 -6.16 20.83 -6.98
C VAL A 25 -7.49 21.11 -7.68
N GLU A 26 -7.51 21.02 -9.01
CA GLU A 26 -8.76 21.18 -9.78
C GLU A 26 -9.76 20.07 -9.52
N ARG A 27 -9.37 19.02 -8.79
CA ARG A 27 -10.28 17.97 -8.35
C ARG A 27 -11.11 18.36 -7.14
N LEU A 28 -10.81 19.47 -6.49
CA LEU A 28 -11.53 19.85 -5.27
C LEU A 28 -13.05 19.88 -5.44
N PRO A 29 -13.63 20.54 -6.45
CA PRO A 29 -15.11 20.63 -6.48
C PRO A 29 -15.77 19.28 -6.63
N GLU A 30 -15.22 18.43 -7.50
CA GLU A 30 -15.74 17.08 -7.63
C GLU A 30 -15.65 16.33 -6.31
N GLU A 31 -14.54 16.49 -5.57
CA GLU A 31 -14.42 15.78 -4.29
C GLU A 31 -15.30 16.38 -3.21
N LEU A 32 -15.68 17.66 -3.31
CA LEU A 32 -16.50 18.31 -2.30
C LEU A 32 -18.00 18.12 -2.49
N LYS A 33 -18.45 17.60 -3.64
CA LYS A 33 -19.87 17.43 -3.87
C LYS A 33 -20.51 16.57 -2.78
N SER A 34 -19.75 15.64 -2.20
CA SER A 34 -20.29 14.70 -1.23
C SER A 34 -20.35 15.26 0.19
N TYR A 35 -19.98 16.51 0.42
CA TYR A 35 -19.93 17.08 1.76
C TYR A 35 -20.71 18.39 1.82
N GLY A 36 -20.97 18.87 3.04
CA GLY A 36 -21.69 20.11 3.23
C GLY A 36 -20.88 21.31 2.77
N LYS A 37 -21.55 22.45 2.59
CA LYS A 37 -20.94 23.62 1.96
C LYS A 37 -20.29 24.63 2.92
N ASN A 38 -20.31 24.39 4.23
CA ASN A 38 -19.61 25.26 5.18
C ASN A 38 -18.22 24.72 5.45
N VAL A 39 -17.19 25.34 4.86
CA VAL A 39 -15.83 24.82 4.91
C VAL A 39 -14.95 25.76 5.73
N LEU A 40 -14.17 25.19 6.64
CA LEU A 40 -13.12 25.92 7.34
C LEU A 40 -11.80 25.60 6.65
N LEU A 41 -11.21 26.62 6.05
CA LEU A 41 -9.94 26.49 5.36
C LEU A 41 -8.83 26.76 6.37
N VAL A 42 -7.98 25.75 6.61
CA VAL A 42 -6.95 25.80 7.65
C VAL A 42 -5.59 25.83 6.96
N TYR A 43 -4.75 26.79 7.34
CA TYR A 43 -3.39 26.82 6.81
C TYR A 43 -2.46 27.49 7.83
N GLY A 44 -1.17 27.46 7.51
CA GLY A 44 -0.13 27.93 8.41
C GLY A 44 0.24 29.37 8.16
N GLY A 45 1.51 29.62 7.84
CA GLY A 45 2.00 30.97 7.63
C GLY A 45 1.75 31.46 6.22
N GLY A 46 2.62 32.36 5.76
CA GLY A 46 2.45 33.04 4.50
C GLY A 46 2.80 32.27 3.25
N SER A 47 3.22 31.00 3.35
CA SER A 47 3.81 30.34 2.20
C SER A 47 2.78 30.12 1.08
N ILE A 48 1.57 29.69 1.43
CA ILE A 48 0.62 29.35 0.38
C ILE A 48 0.08 30.60 -0.32
N LYS A 49 0.00 31.72 0.39
CA LYS A 49 -0.38 32.96 -0.29
C LYS A 49 0.74 33.43 -1.22
N ARG A 50 2.00 33.31 -0.77
CA ARG A 50 3.13 33.75 -1.59
C ARG A 50 3.28 32.91 -2.86
N SER A 51 2.98 31.61 -2.78
CA SER A 51 3.17 30.75 -3.95
C SER A 51 2.04 30.86 -4.96
N GLY A 52 0.89 31.41 -4.57
CA GLY A 52 -0.29 31.37 -5.41
C GLY A 52 -1.22 30.20 -5.14
N LEU A 53 -0.86 29.27 -4.27
CA LEU A 53 -1.74 28.13 -4.01
C LEU A 53 -3.02 28.56 -3.29
N TYR A 54 -2.89 29.48 -2.33
CA TYR A 54 -4.07 30.01 -1.65
C TYR A 54 -5.12 30.49 -2.64
N ASP A 55 -4.73 31.33 -3.60
CA ASP A 55 -5.68 31.85 -4.58
C ASP A 55 -6.25 30.74 -5.45
N GLN A 56 -5.40 29.76 -5.83
CA GLN A 56 -5.90 28.61 -6.55
C GLN A 56 -7.02 27.93 -5.77
N VAL A 57 -6.81 27.74 -4.47
CA VAL A 57 -7.76 27.02 -3.64
C VAL A 57 -9.04 27.82 -3.47
N ILE A 58 -8.93 29.14 -3.17
CA ILE A 58 -10.12 29.98 -3.05
C ILE A 58 -10.93 29.90 -4.35
N GLU A 59 -10.24 30.00 -5.49
CA GLU A 59 -10.91 29.90 -6.78
C GLU A 59 -11.69 28.60 -6.90
N GLN A 60 -11.04 27.47 -6.60
CA GLN A 60 -11.73 26.19 -6.66
C GLN A 60 -12.88 26.12 -5.66
N LEU A 61 -12.67 26.67 -4.45
CA LEU A 61 -13.74 26.69 -3.47
C LEU A 61 -14.91 27.54 -3.94
N ASN A 62 -14.65 28.54 -4.77
CA ASN A 62 -15.74 29.30 -5.38
C ASN A 62 -16.49 28.44 -6.38
N LYS A 63 -15.75 27.67 -7.19
CA LYS A 63 -16.41 26.80 -8.16
C LYS A 63 -17.31 25.78 -7.48
N ALA A 64 -16.98 25.40 -6.24
CA ALA A 64 -17.76 24.40 -5.52
C ALA A 64 -18.92 25.00 -4.73
N GLY A 65 -19.21 26.29 -4.95
CA GLY A 65 -20.31 26.98 -4.25
C GLY A 65 -20.22 26.90 -2.74
N VAL A 66 -19.01 26.91 -2.22
CA VAL A 66 -18.72 26.71 -0.80
C VAL A 66 -18.65 28.05 -0.07
N THR A 67 -19.13 28.07 1.17
CA THR A 67 -18.95 29.23 2.06
C THR A 67 -17.66 29.03 2.86
N VAL A 68 -16.70 29.95 2.67
CA VAL A 68 -15.34 29.77 3.17
C VAL A 68 -15.18 30.57 4.45
N HIS A 69 -14.75 29.89 5.52
CA HIS A 69 -14.15 30.54 6.68
C HIS A 69 -12.72 30.03 6.80
N GLU A 70 -11.88 30.80 7.48
CA GLU A 70 -10.45 30.52 7.50
C GLU A 70 -9.96 30.41 8.93
N LEU A 71 -8.96 29.55 9.12
CA LEU A 71 -8.14 29.57 10.33
C LEU A 71 -6.68 29.62 9.86
N ALA A 72 -6.11 30.82 9.81
CA ALA A 72 -4.73 31.04 9.38
C ALA A 72 -3.80 31.11 10.58
N GLY A 73 -2.51 30.84 10.33
CA GLY A 73 -1.52 30.97 11.38
C GLY A 73 -1.26 29.73 12.23
N VAL A 74 -1.63 28.55 11.76
CA VAL A 74 -1.32 27.32 12.49
C VAL A 74 0.18 27.27 12.72
N GLU A 75 0.58 26.96 13.97
CA GLU A 75 1.99 26.99 14.33
C GLU A 75 2.72 25.75 13.83
N PRO A 76 4.02 25.86 13.55
CA PRO A 76 4.79 24.65 13.17
C PRO A 76 4.69 23.53 14.19
N ASN A 77 4.60 23.86 15.49
CA ASN A 77 4.17 22.92 16.52
C ASN A 77 2.78 23.37 16.98
N PRO A 78 1.72 22.89 16.32
CA PRO A 78 0.39 23.47 16.58
C PRO A 78 -0.05 23.31 18.04
N ARG A 79 -0.67 24.38 18.56
CA ARG A 79 -1.00 24.52 19.97
C ARG A 79 -2.46 24.15 20.20
N VAL A 80 -2.72 23.50 21.34
CA VAL A 80 -4.10 23.13 21.66
C VAL A 80 -4.96 24.38 21.72
N SER A 81 -4.40 25.50 22.16
CA SER A 81 -5.11 26.78 22.12
C SER A 81 -5.60 27.09 20.69
N THR A 82 -4.77 26.84 19.68
CA THR A 82 -5.20 27.06 18.30
C THR A 82 -6.24 26.04 17.85
N VAL A 83 -6.10 24.79 18.30
CA VAL A 83 -7.14 23.79 18.05
C VAL A 83 -8.48 24.27 18.61
N ASN A 84 -8.48 24.74 19.87
CA ASN A 84 -9.71 25.21 20.50
C ASN A 84 -10.30 26.39 19.73
N LYS A 85 -9.44 27.27 19.22
CA LYS A 85 -9.91 28.37 18.38
C LYS A 85 -10.64 27.83 17.14
N GLY A 86 -10.12 26.76 16.54
CA GLY A 86 -10.77 26.18 15.37
C GLY A 86 -12.09 25.51 15.71
N VAL A 87 -12.13 24.78 16.83
CA VAL A 87 -13.38 24.15 17.26
C VAL A 87 -14.46 25.20 17.49
N ALA A 88 -14.08 26.32 18.12
CA ALA A 88 -15.02 27.41 18.32
C ALA A 88 -15.55 27.94 16.99
N LEU A 89 -14.66 28.10 16.00
CA LEU A 89 -15.11 28.54 14.68
C LEU A 89 -16.08 27.54 14.06
N CYS A 90 -15.85 26.24 14.26
CA CYS A 90 -16.72 25.22 13.67
C CYS A 90 -18.14 25.30 14.24
N LYS A 91 -18.26 25.46 15.56
CA LYS A 91 -19.58 25.61 16.14
C LYS A 91 -20.23 26.91 15.68
N GLU A 92 -19.47 27.99 15.66
CA GLU A 92 -20.03 29.31 15.37
C GLU A 92 -20.55 29.39 13.93
N HIS A 93 -19.77 28.93 12.97
CA HIS A 93 -20.15 29.02 11.56
C HIS A 93 -20.75 27.73 11.03
N HIS A 94 -21.09 26.79 11.91
CA HIS A 94 -21.76 25.54 11.53
C HIS A 94 -20.98 24.79 10.45
N ILE A 95 -19.68 24.61 10.71
CA ILE A 95 -18.79 24.01 9.74
C ILE A 95 -19.17 22.55 9.49
N ASP A 96 -19.17 22.15 8.22
CA ASP A 96 -19.37 20.75 7.84
C ASP A 96 -18.09 20.04 7.47
N PHE A 97 -17.11 20.77 6.95
CA PHE A 97 -15.93 20.16 6.33
C PHE A 97 -14.76 21.10 6.57
N LEU A 98 -13.57 20.52 6.76
CA LEU A 98 -12.35 21.29 6.94
C LEU A 98 -11.41 20.97 5.78
N LEU A 99 -10.71 21.99 5.27
CA LEU A 99 -9.71 21.77 4.23
C LEU A 99 -8.37 22.29 4.74
N ALA A 100 -7.43 21.35 4.91
CA ALA A 100 -6.08 21.68 5.36
C ALA A 100 -5.20 21.92 4.14
N VAL A 101 -4.59 23.09 4.06
CA VAL A 101 -3.69 23.41 2.96
C VAL A 101 -2.34 23.71 3.58
N GLY A 102 -1.42 22.78 3.44
CA GLY A 102 -0.11 22.95 4.06
C GLY A 102 0.53 21.59 4.32
N GLY A 103 1.38 21.55 5.34
CA GLY A 103 2.13 20.37 5.68
C GLY A 103 1.58 19.65 6.90
N GLY A 104 2.44 18.81 7.50
CA GLY A 104 2.02 17.95 8.60
C GLY A 104 1.44 18.72 9.78
N SER A 105 1.99 19.89 10.08
CA SER A 105 1.49 20.71 11.18
C SER A 105 0.07 21.17 10.94
N VAL A 106 -0.22 21.61 9.71
CA VAL A 106 -1.56 22.06 9.38
C VAL A 106 -2.54 20.89 9.41
N ILE A 107 -2.10 19.73 8.92
CA ILE A 107 -3.00 18.57 8.89
C ILE A 107 -3.24 18.06 10.31
N ASP A 108 -2.17 17.97 11.12
CA ASP A 108 -2.31 17.52 12.52
C ASP A 108 -3.29 18.42 13.27
N CYS A 109 -3.19 19.73 13.06
CA CYS A 109 -4.08 20.66 13.74
C CYS A 109 -5.52 20.47 13.26
N THR A 110 -5.71 20.32 11.94
CA THR A 110 -7.05 20.08 11.40
C THR A 110 -7.65 18.79 11.95
N LYS A 111 -6.84 17.74 12.11
CA LYS A 111 -7.35 16.50 12.68
C LYS A 111 -7.89 16.71 14.10
N ALA A 112 -7.20 17.55 14.88
CA ALA A 112 -7.63 17.81 16.25
C ALA A 112 -8.87 18.70 16.27
N ILE A 113 -8.99 19.63 15.31
CA ILE A 113 -10.20 20.42 15.22
C ILE A 113 -11.37 19.53 14.80
N ALA A 114 -11.12 18.58 13.90
CA ALA A 114 -12.18 17.69 13.42
C ALA A 114 -12.77 16.86 14.54
N ALA A 115 -11.92 16.30 15.40
CA ALA A 115 -12.38 15.56 16.57
C ALA A 115 -12.94 16.50 17.63
N GLY A 116 -12.29 17.65 17.83
CA GLY A 116 -12.75 18.55 18.86
C GLY A 116 -14.09 19.17 18.53
N ALA A 117 -14.44 19.26 17.25
CA ALA A 117 -15.70 19.86 16.83
C ALA A 117 -16.89 18.98 17.18
N LYS A 118 -16.65 17.75 17.63
CA LYS A 118 -17.71 16.85 18.08
C LYS A 118 -17.56 16.50 19.55
N TYR A 119 -16.71 17.19 20.29
CA TYR A 119 -16.49 16.94 21.70
C TYR A 119 -16.87 18.19 22.49
N ASP A 120 -17.69 18.00 23.53
CA ASP A 120 -18.22 19.15 24.26
C ASP A 120 -17.13 19.89 25.02
N GLY A 121 -16.05 19.21 25.39
CA GLY A 121 -15.05 19.81 26.25
C GLY A 121 -13.85 20.35 25.49
N ASP A 122 -12.69 20.20 26.10
CA ASP A 122 -11.46 20.84 25.65
C ASP A 122 -10.61 19.84 24.89
N ALA A 123 -10.14 20.25 23.71
CA ALA A 123 -9.46 19.32 22.83
C ALA A 123 -8.21 18.72 23.48
N TRP A 124 -7.64 19.39 24.47
CA TRP A 124 -6.51 18.83 25.18
C TRP A 124 -6.84 17.45 25.77
N ASP A 125 -8.11 17.23 26.15
CA ASP A 125 -8.54 15.91 26.60
C ASP A 125 -8.34 14.86 25.52
N ILE A 126 -8.58 15.23 24.26
CA ILE A 126 -8.37 14.28 23.16
C ILE A 126 -6.88 14.03 22.97
N VAL A 127 -6.08 15.11 22.98
CA VAL A 127 -4.64 14.99 22.74
C VAL A 127 -3.98 14.10 23.79
N THR A 128 -4.37 14.24 25.05
CA THR A 128 -3.78 13.47 26.14
C THR A 128 -4.39 12.09 26.31
N LYS A 129 -5.39 11.75 25.51
CA LYS A 129 -6.10 10.46 25.55
C LYS A 129 -6.99 10.31 26.77
N LYS A 130 -7.38 11.43 27.38
CA LYS A 130 -8.40 11.42 28.43
C LYS A 130 -9.78 11.15 27.85
N HIS A 131 -10.07 11.74 26.70
CA HIS A 131 -11.32 11.46 25.98
C HIS A 131 -10.98 10.84 24.63
N GLN A 132 -11.51 9.64 24.38
CA GLN A 132 -11.39 9.00 23.08
C GLN A 132 -12.48 9.50 22.13
N PRO A 133 -12.13 10.03 20.95
CA PRO A 133 -13.15 10.56 20.05
C PRO A 133 -14.16 9.50 19.63
N LYS A 134 -15.45 9.88 19.64
CA LYS A 134 -16.53 9.04 19.16
C LYS A 134 -17.11 9.50 17.84
N ASP A 135 -16.75 10.70 17.39
CA ASP A 135 -17.22 11.25 16.13
C ASP A 135 -16.24 12.33 15.73
N ALA A 136 -16.33 12.76 14.47
CA ALA A 136 -15.49 13.85 13.99
C ALA A 136 -16.10 14.44 12.72
N LEU A 137 -15.83 15.71 12.50
CA LEU A 137 -16.09 16.31 11.21
C LEU A 137 -15.17 15.70 10.15
N PRO A 138 -15.65 15.55 8.91
CA PRO A 138 -14.77 15.15 7.81
C PRO A 138 -13.80 16.26 7.42
N PHE A 139 -12.67 15.88 6.83
CA PHE A 139 -11.72 16.85 6.33
C PHE A 139 -10.91 16.26 5.17
N GLY A 140 -10.34 17.16 4.35
CA GLY A 140 -9.45 16.77 3.28
C GLY A 140 -8.22 17.66 3.32
N THR A 141 -7.21 17.33 2.50
CA THR A 141 -5.95 18.08 2.52
C THR A 141 -5.44 18.39 1.12
N VAL A 142 -4.71 19.49 1.00
CA VAL A 142 -3.86 19.79 -0.16
C VAL A 142 -2.46 19.93 0.38
N LEU A 143 -1.58 19.01 0.01
CA LEU A 143 -0.28 18.89 0.67
C LEU A 143 0.73 19.81 0.01
N THR A 144 1.51 20.52 0.83
CA THR A 144 2.56 21.40 0.34
C THR A 144 3.96 20.94 0.73
N LEU A 145 4.09 19.84 1.46
CA LEU A 145 5.39 19.37 1.93
C LEU A 145 5.43 17.86 1.81
N ALA A 146 6.53 17.35 1.26
CA ALA A 146 6.72 15.91 1.17
C ALA A 146 7.21 15.33 2.49
N ALA A 147 6.85 14.08 2.73
CA ALA A 147 7.43 13.26 3.80
C ALA A 147 7.06 13.72 5.20
N THR A 148 5.84 14.23 5.42
CA THR A 148 5.44 14.53 6.79
C THR A 148 4.53 13.44 7.35
N GLY A 149 4.07 12.52 6.49
CA GLY A 149 3.27 11.38 6.89
C GLY A 149 1.81 11.66 7.19
N SER A 150 1.42 12.91 7.39
CA SER A 150 0.07 13.19 7.89
C SER A 150 -1.01 13.09 6.82
N GLU A 151 -0.64 13.24 5.54
CA GLU A 151 -1.63 13.19 4.46
C GLU A 151 -2.28 11.82 4.31
N MET A 152 -1.76 10.80 4.98
CA MET A 152 -2.35 9.49 4.77
C MET A 152 -2.28 8.63 6.03
N ASN A 153 -2.41 9.23 7.20
CA ASN A 153 -2.55 8.47 8.42
C ASN A 153 -3.54 9.20 9.32
N SER A 154 -3.77 8.60 10.49
CA SER A 154 -4.79 9.06 11.42
C SER A 154 -4.21 9.70 12.67
N GLY A 155 -2.93 10.08 12.63
CA GLY A 155 -2.24 10.62 13.78
C GLY A 155 -2.10 12.14 13.74
N SER A 156 -1.81 12.71 14.91
CA SER A 156 -1.69 14.15 15.08
C SER A 156 -0.82 14.42 16.32
N VAL A 157 0.04 15.45 16.25
CA VAL A 157 0.91 15.79 17.38
C VAL A 157 0.63 17.25 17.77
N ILE A 158 0.19 17.47 19.01
CA ILE A 158 -0.27 18.77 19.46
C ILE A 158 0.51 19.20 20.70
N THR A 159 0.80 20.50 20.78
CA THR A 159 1.55 21.11 21.87
C THR A 159 0.64 21.90 22.79
N ASN A 160 0.87 21.78 24.10
CA ASN A 160 0.28 22.66 25.08
C ASN A 160 1.37 23.67 25.40
N TRP A 161 1.20 24.90 24.90
CA TRP A 161 2.23 25.92 25.11
C TRP A 161 2.40 26.24 26.59
N GLU A 162 1.31 26.19 27.36
CA GLU A 162 1.39 26.52 28.79
C GLU A 162 2.20 25.46 29.54
N THR A 163 1.81 24.19 29.42
CA THR A 163 2.53 23.12 30.11
C THR A 163 3.81 22.71 29.39
N LYS A 164 4.03 23.16 28.17
CA LYS A 164 5.18 22.77 27.35
C LYS A 164 5.20 21.26 27.08
N GLU A 165 4.03 20.65 26.92
CA GLU A 165 3.95 19.24 26.59
C GLU A 165 3.58 19.08 25.12
N LYS A 166 4.04 17.99 24.52
CA LYS A 166 3.80 17.69 23.11
C LYS A 166 3.42 16.22 23.05
N TYR A 167 2.17 15.93 22.68
CA TYR A 167 1.62 14.58 22.77
C TYR A 167 1.08 14.12 21.43
N GLY A 168 1.34 12.85 21.12
CA GLY A 168 0.80 12.20 19.94
C GLY A 168 -0.44 11.43 20.32
N TRP A 169 -1.51 11.67 19.56
CA TRP A 169 -2.78 10.99 19.70
C TRP A 169 -3.22 10.58 18.29
N GLY A 170 -4.32 9.82 18.23
CA GLY A 170 -4.87 9.39 16.95
C GLY A 170 -6.23 8.79 17.13
N SER A 171 -6.93 8.59 15.99
CA SER A 171 -8.25 7.95 16.00
C SER A 171 -8.59 7.44 14.61
N PRO A 172 -9.28 6.29 14.49
CA PRO A 172 -9.75 5.86 13.16
C PRO A 172 -10.68 6.86 12.49
N LEU A 173 -11.21 7.82 13.23
CA LEU A 173 -12.14 8.79 12.68
C LEU A 173 -11.48 10.00 12.03
N VAL A 174 -10.16 10.15 12.09
CA VAL A 174 -9.57 11.34 11.48
C VAL A 174 -8.52 11.00 10.42
N PHE A 175 -8.70 9.90 9.71
CA PHE A 175 -8.07 9.80 8.40
C PHE A 175 -8.65 10.89 7.49
N PRO A 176 -7.83 11.51 6.65
CA PRO A 176 -8.37 12.43 5.64
C PRO A 176 -9.32 11.68 4.72
N LYS A 177 -10.38 12.36 4.30
CA LYS A 177 -11.22 11.77 3.26
C LYS A 177 -10.44 11.68 1.96
N PHE A 178 -9.71 12.73 1.62
CA PHE A 178 -8.84 12.73 0.45
C PHE A 178 -7.66 13.64 0.72
N SER A 179 -6.57 13.40 0.00
CA SER A 179 -5.40 14.27 0.06
C SER A 179 -4.96 14.51 -1.37
N ILE A 180 -4.83 15.77 -1.76
CA ILE A 180 -4.43 16.11 -3.11
C ILE A 180 -2.94 16.38 -3.10
N LEU A 181 -2.18 15.55 -3.85
CA LEU A 181 -0.71 15.61 -3.87
C LEU A 181 -0.22 15.98 -5.27
N ASP A 182 0.18 17.25 -5.40
CA ASP A 182 0.74 17.79 -6.63
C ASP A 182 2.20 18.10 -6.37
N PRO A 183 3.13 17.43 -7.06
CA PRO A 183 4.55 17.77 -6.86
C PRO A 183 4.86 19.25 -7.05
N VAL A 184 4.13 19.96 -7.94
CA VAL A 184 4.38 21.39 -8.15
C VAL A 184 4.20 22.18 -6.87
N ASN A 185 3.30 21.73 -6.00
CA ASN A 185 3.06 22.40 -4.72
C ASN A 185 4.20 22.23 -3.73
N THR A 186 5.24 21.45 -4.03
CA THR A 186 6.44 21.41 -3.19
C THR A 186 7.63 22.18 -3.78
N PHE A 187 7.45 22.84 -4.94
CA PHE A 187 8.56 23.51 -5.62
C PHE A 187 9.22 24.58 -4.76
N THR A 188 8.45 25.27 -3.91
CA THR A 188 9.01 26.37 -3.11
C THR A 188 9.57 25.90 -1.78
N VAL A 189 9.54 24.60 -1.48
CA VAL A 189 10.20 24.15 -0.26
C VAL A 189 11.69 24.39 -0.43
N PRO A 190 12.32 25.15 0.45
CA PRO A 190 13.74 25.51 0.27
C PRO A 190 14.67 24.31 0.42
N LYS A 191 15.93 24.53 0.02
CA LYS A 191 16.94 23.48 0.00
C LYS A 191 17.04 22.74 1.34
N ASN A 192 17.18 23.48 2.45
CA ASN A 192 17.36 22.83 3.74
C ASN A 192 16.17 21.94 4.11
N HIS A 193 14.94 22.45 3.96
CA HIS A 193 13.77 21.65 4.33
C HIS A 193 13.57 20.48 3.38
N THR A 194 13.93 20.64 2.11
CA THR A 194 13.91 19.53 1.17
C THR A 194 14.85 18.43 1.63
N ILE A 195 16.04 18.81 2.09
CA ILE A 195 16.98 17.83 2.62
C ILE A 195 16.44 17.20 3.88
N TYR A 196 15.88 18.03 4.78
CA TYR A 196 15.28 17.53 6.02
C TYR A 196 14.22 16.46 5.72
N GLY A 197 13.35 16.71 4.75
CA GLY A 197 12.29 15.74 4.45
C GLY A 197 12.85 14.41 3.98
N MET A 198 13.91 14.47 3.17
CA MET A 198 14.51 13.25 2.66
C MET A 198 15.29 12.51 3.74
N VAL A 199 15.98 13.25 4.62
CA VAL A 199 16.66 12.61 5.75
C VAL A 199 15.64 11.95 6.68
N ASP A 200 14.56 12.65 7.01
CA ASP A 200 13.55 12.05 7.86
C ASP A 200 12.91 10.82 7.22
N MET A 201 12.61 10.90 5.91
CA MET A 201 12.01 9.76 5.23
C MET A 201 12.91 8.52 5.30
N MET A 202 14.21 8.70 5.03
CA MET A 202 15.10 7.57 5.13
C MET A 202 15.13 7.05 6.57
N SER A 203 15.09 7.97 7.54
CA SER A 203 15.13 7.59 8.94
C SER A 203 13.91 6.75 9.31
N HIS A 204 12.73 7.14 8.82
CA HIS A 204 11.51 6.41 9.13
C HIS A 204 11.57 5.01 8.55
N VAL A 205 12.19 4.85 7.39
CA VAL A 205 12.36 3.51 6.83
C VAL A 205 13.27 2.69 7.75
N PHE A 206 14.41 3.26 8.16
CA PHE A 206 15.27 2.59 9.13
C PHE A 206 14.48 2.17 10.36
N GLU A 207 13.69 3.09 10.94
CA GLU A 207 12.91 2.75 12.13
C GLU A 207 12.00 1.55 11.89
N GLN A 208 11.42 1.45 10.70
CA GLN A 208 10.56 0.31 10.40
C GLN A 208 11.35 -0.94 10.02
N TYR A 209 12.64 -0.81 9.72
CA TYR A 209 13.44 -1.95 9.30
C TYR A 209 14.09 -2.67 10.47
N PHE A 210 14.44 -1.94 11.53
CA PHE A 210 15.23 -2.52 12.63
C PHE A 210 14.33 -3.23 13.64
N HIS A 211 14.12 -4.52 13.39
CA HIS A 211 13.30 -5.38 14.24
C HIS A 211 13.87 -6.79 14.19
N HIS A 212 13.36 -7.65 15.06
CA HIS A 212 13.79 -9.04 15.13
C HIS A 212 12.72 -9.99 14.62
N VAL A 213 11.84 -9.53 13.73
CA VAL A 213 10.79 -10.39 13.18
C VAL A 213 11.36 -11.23 12.06
N SER A 214 11.32 -12.54 12.22
CA SER A 214 11.73 -13.38 11.12
C SER A 214 10.68 -13.33 10.01
N ASN A 215 11.14 -13.62 8.80
CA ASN A 215 10.27 -13.83 7.64
C ASN A 215 9.49 -12.57 7.26
N THR A 216 10.23 -11.49 7.05
CA THR A 216 9.66 -10.35 6.36
C THR A 216 10.47 -10.05 5.11
N PRO A 217 10.68 -11.02 4.19
CA PRO A 217 11.52 -10.71 3.02
C PRO A 217 10.96 -9.61 2.12
N TYR A 218 9.65 -9.57 1.88
CA TYR A 218 9.14 -8.55 0.98
C TYR A 218 9.16 -7.16 1.60
N GLN A 219 8.75 -7.03 2.87
CA GLN A 219 8.86 -5.73 3.53
C GLN A 219 10.31 -5.26 3.55
N ASP A 220 11.25 -6.18 3.80
CA ASP A 220 12.65 -5.81 3.80
C ASP A 220 13.04 -5.18 2.47
N ARG A 221 12.64 -5.81 1.36
CA ARG A 221 12.99 -5.31 0.03
C ARG A 221 12.28 -4.01 -0.30
N MET A 222 11.05 -3.85 0.18
CA MET A 222 10.35 -2.57 0.01
C MET A 222 11.11 -1.46 0.71
N CYS A 223 11.59 -1.74 1.92
CA CYS A 223 12.40 -0.76 2.66
C CYS A 223 13.68 -0.47 1.91
N GLU A 224 14.40 -1.52 1.52
CA GLU A 224 15.68 -1.33 0.82
C GLU A 224 15.47 -0.56 -0.48
N SER A 225 14.40 -0.89 -1.22
CA SER A 225 14.07 -0.23 -2.49
C SER A 225 13.80 1.25 -2.29
N LEU A 226 13.07 1.59 -1.22
CA LEU A 226 12.76 2.99 -0.96
C LEU A 226 14.04 3.77 -0.67
N LEU A 227 14.91 3.22 0.19
CA LEU A 227 16.17 3.89 0.50
C LEU A 227 17.01 4.11 -0.75
N ARG A 228 17.11 3.09 -1.61
CA ARG A 228 17.89 3.24 -2.84
C ARG A 228 17.33 4.35 -3.74
N THR A 229 16.00 4.40 -3.89
CA THR A 229 15.38 5.45 -4.70
C THR A 229 15.70 6.85 -4.16
N VAL A 230 15.60 7.04 -2.84
CA VAL A 230 15.91 8.36 -2.28
C VAL A 230 17.39 8.68 -2.44
N ILE A 231 18.28 7.67 -2.28
CA ILE A 231 19.70 7.95 -2.44
C ILE A 231 20.01 8.38 -3.87
N GLU A 232 19.35 7.77 -4.85
CA GLU A 232 19.53 8.17 -6.25
C GLU A 232 18.94 9.55 -6.54
N THR A 233 17.87 9.94 -5.83
CA THR A 233 17.13 11.16 -6.13
C THR A 233 17.66 12.40 -5.42
N ALA A 234 18.01 12.24 -4.13
CA ALA A 234 18.32 13.39 -3.28
C ALA A 234 19.44 14.28 -3.81
N PRO A 235 20.59 13.76 -4.26
CA PRO A 235 21.66 14.67 -4.72
C PRO A 235 21.26 15.47 -5.93
N LYS A 236 20.43 14.91 -6.81
CA LYS A 236 19.94 15.63 -7.98
C LYS A 236 18.90 16.68 -7.58
N LEU A 237 18.02 16.36 -6.63
CA LEU A 237 16.94 17.29 -6.31
C LEU A 237 17.48 18.56 -5.68
N ILE A 238 18.47 18.44 -4.78
CA ILE A 238 18.90 19.60 -4.02
C ILE A 238 19.59 20.62 -4.93
N ASN A 239 20.06 20.22 -6.12
CA ASN A 239 20.62 21.14 -7.08
C ASN A 239 19.68 21.42 -8.24
N ASP A 240 18.40 21.05 -8.10
CA ASP A 240 17.40 21.22 -9.15
C ASP A 240 16.03 21.28 -8.50
N LEU A 241 15.81 22.29 -7.64
CA LEU A 241 14.69 22.28 -6.72
C LEU A 241 13.31 22.38 -7.39
N GLU A 242 13.25 22.74 -8.67
CA GLU A 242 11.96 22.87 -9.36
C GLU A 242 11.78 21.82 -10.45
N ASN A 243 12.55 20.74 -10.38
CA ASN A 243 12.41 19.62 -11.31
C ASN A 243 11.21 18.78 -10.92
N TYR A 244 10.20 18.72 -11.79
CA TYR A 244 8.97 18.01 -11.47
C TYR A 244 9.22 16.54 -11.13
N GLU A 245 10.03 15.85 -11.95
CA GLU A 245 10.25 14.43 -11.75
C GLU A 245 10.95 14.15 -10.42
N LEU A 246 11.94 14.95 -10.07
CA LEU A 246 12.63 14.70 -8.82
C LEU A 246 11.72 14.99 -7.63
N ARG A 247 10.95 16.07 -7.71
CA ARG A 247 9.99 16.36 -6.64
C ARG A 247 8.91 15.30 -6.56
N GLU A 248 8.47 14.81 -7.73
CA GLU A 248 7.43 13.79 -7.79
C GLU A 248 7.88 12.52 -7.09
N THR A 249 9.10 12.06 -7.37
CA THR A 249 9.63 10.84 -6.75
C THR A 249 9.69 10.98 -5.23
N ILE A 250 10.11 12.15 -4.73
CA ILE A 250 10.20 12.32 -3.28
C ILE A 250 8.82 12.42 -2.66
N LEU A 251 7.89 13.10 -3.33
CA LEU A 251 6.55 13.21 -2.79
C LEU A 251 5.88 11.83 -2.72
N TYR A 252 6.01 11.04 -3.80
CA TYR A 252 5.45 9.70 -3.84
C TYR A 252 6.07 8.78 -2.81
N THR A 253 7.41 8.69 -2.79
CA THR A 253 8.02 7.79 -1.80
C THR A 253 7.80 8.28 -0.38
N GLY A 254 7.67 9.60 -0.20
CA GLY A 254 7.45 10.09 1.15
C GLY A 254 6.10 9.71 1.71
N THR A 255 5.12 9.43 0.84
CA THR A 255 3.83 8.99 1.37
C THR A 255 3.92 7.53 1.81
N ILE A 256 4.58 6.70 1.02
CA ILE A 256 4.73 5.28 1.33
C ILE A 256 5.59 5.07 2.57
N ALA A 257 6.67 5.83 2.70
CA ALA A 257 7.59 5.65 3.81
C ALA A 257 6.90 5.83 5.15
N LEU A 258 5.85 6.65 5.18
CA LEU A 258 5.25 7.11 6.43
C LEU A 258 3.78 6.70 6.63
N ASN A 259 3.15 6.00 5.68
CA ASN A 259 1.74 5.65 5.86
C ASN A 259 1.49 4.25 6.41
N GLY A 260 2.53 3.46 6.69
CA GLY A 260 2.36 2.13 7.26
C GLY A 260 2.41 0.98 6.27
N MET A 261 2.43 1.26 4.98
CA MET A 261 2.52 0.21 3.97
C MET A 261 3.87 -0.53 4.00
N LEU A 262 4.79 -0.08 4.84
CA LEU A 262 6.09 -0.71 5.02
C LEU A 262 6.19 -1.56 6.28
N SER A 263 5.52 -1.13 7.35
CA SER A 263 5.60 -1.74 8.66
C SER A 263 4.61 -2.88 8.91
N MET A 264 3.86 -3.34 7.91
CA MET A 264 2.81 -4.32 8.20
C MET A 264 3.39 -5.71 8.48
N GLY A 265 3.16 -6.20 9.69
CA GLY A 265 3.73 -7.46 10.12
C GLY A 265 4.98 -7.35 10.98
N ALA A 266 5.48 -6.14 11.22
CA ALA A 266 6.65 -5.97 12.07
C ALA A 266 6.55 -4.62 12.76
N ARG A 267 6.91 -4.59 14.04
CA ARG A 267 6.86 -3.34 14.80
C ARG A 267 8.20 -2.62 14.70
N GLY A 268 8.15 -1.32 14.43
CA GLY A 268 9.35 -0.53 14.32
C GLY A 268 10.00 -0.28 15.66
N ASP A 269 11.25 0.20 15.60
CA ASP A 269 12.04 0.45 16.80
C ASP A 269 11.73 1.82 17.42
N TRP A 270 12.00 2.90 16.70
CA TRP A 270 11.67 4.30 17.06
C TRP A 270 12.47 4.83 18.23
N ALA A 271 13.56 4.16 18.61
CA ALA A 271 14.36 4.68 19.72
C ALA A 271 15.10 5.96 19.31
N THR A 272 15.61 6.01 18.08
CA THR A 272 16.34 7.21 17.66
C THR A 272 15.41 8.43 17.64
N HIS A 273 14.19 8.28 17.12
CA HIS A 273 13.22 9.37 17.20
C HIS A 273 12.99 9.78 18.65
N ASN A 274 12.84 8.82 19.55
CA ASN A 274 12.56 9.18 20.94
C ASN A 274 13.73 9.97 21.52
N ILE A 275 14.96 9.59 21.18
CA ILE A 275 16.12 10.32 21.67
C ILE A 275 16.20 11.71 21.04
N GLU A 276 15.99 11.81 19.72
CA GLU A 276 15.97 13.13 19.10
C GLU A 276 14.90 14.03 19.71
N HIS A 277 13.72 13.47 19.97
N HIS A 277 13.72 13.46 19.99
CA HIS A 277 12.67 14.22 20.67
CA HIS A 277 12.68 14.23 20.66
C HIS A 277 13.16 14.75 22.02
C HIS A 277 13.13 14.74 22.03
N ALA A 278 13.91 13.93 22.75
CA ALA A 278 14.45 14.39 24.03
C ALA A 278 15.44 15.54 23.82
N VAL A 279 16.33 15.39 22.83
CA VAL A 279 17.28 16.45 22.52
C VAL A 279 16.56 17.73 22.15
N SER A 280 15.55 17.63 21.28
CA SER A 280 14.84 18.81 20.81
C SER A 280 14.01 19.47 21.90
N ALA A 281 13.61 18.73 22.95
CA ALA A 281 12.92 19.38 24.07
C ALA A 281 13.84 20.32 24.82
N VAL A 282 15.14 20.24 24.58
CA VAL A 282 16.15 21.09 25.21
C VAL A 282 16.70 22.11 24.23
N TYR A 283 17.21 21.63 23.09
CA TYR A 283 17.82 22.46 22.05
C TYR A 283 16.87 22.58 20.85
N ASP A 284 16.75 23.79 20.33
CA ASP A 284 15.92 24.14 19.17
C ASP A 284 16.61 23.84 17.85
N ILE A 285 16.72 22.55 17.53
CA ILE A 285 17.39 22.12 16.30
C ILE A 285 16.36 21.52 15.35
N PRO A 286 16.66 21.45 14.06
CA PRO A 286 15.80 20.71 13.12
C PRO A 286 15.75 19.21 13.42
N HIS A 287 14.53 18.66 13.39
CA HIS A 287 14.29 17.24 13.63
C HIS A 287 15.24 16.33 12.83
N ALA A 288 15.32 16.53 11.51
CA ALA A 288 16.14 15.63 10.69
C ALA A 288 17.62 15.84 10.96
N GLY A 289 17.99 17.04 11.41
CA GLY A 289 19.36 17.26 11.81
C GLY A 289 19.73 16.43 13.01
N GLY A 290 18.86 16.40 14.02
CA GLY A 290 19.11 15.52 15.14
C GLY A 290 19.21 14.07 14.72
N LEU A 291 18.34 13.65 13.79
CA LEU A 291 18.35 12.26 13.34
C LEU A 291 19.63 11.92 12.58
N ALA A 292 20.09 12.81 11.70
CA ALA A 292 21.32 12.55 10.96
C ALA A 292 22.50 12.37 11.91
N ILE A 293 22.51 13.12 13.01
CA ILE A 293 23.56 12.98 14.01
C ILE A 293 23.41 11.66 14.76
N LEU A 294 22.21 11.36 15.23
CA LEU A 294 22.03 10.27 16.18
C LEU A 294 21.97 8.90 15.50
N PHE A 295 21.29 8.80 14.35
CA PHE A 295 21.00 7.47 13.81
C PHE A 295 22.24 6.63 13.55
N PRO A 296 23.32 7.13 12.93
CA PRO A 296 24.51 6.28 12.77
C PRO A 296 25.07 5.78 14.08
N ASN A 297 25.01 6.58 15.13
CA ASN A 297 25.52 6.15 16.41
C ASN A 297 24.58 5.18 17.10
N TRP A 298 23.27 5.35 16.92
CA TRP A 298 22.37 4.30 17.40
C TRP A 298 22.67 2.98 16.71
N MET A 299 22.95 3.03 15.40
CA MET A 299 23.21 1.81 14.64
C MET A 299 24.46 1.11 15.16
N ARG A 300 25.51 1.88 15.48
CA ARG A 300 26.71 1.30 16.07
C ARG A 300 26.43 0.73 17.46
N HIS A 301 25.66 1.45 18.29
CA HIS A 301 25.43 0.99 19.66
C HIS A 301 24.67 -0.34 19.70
N THR A 302 23.72 -0.54 18.80
CA THR A 302 22.84 -1.70 18.86
C THR A 302 23.28 -2.82 17.94
N LEU A 303 24.42 -2.64 17.25
CA LEU A 303 24.85 -3.59 16.23
C LEU A 303 24.89 -5.02 16.76
N SER A 304 25.38 -5.20 17.99
CA SER A 304 25.58 -6.55 18.53
C SER A 304 24.26 -7.29 18.70
N GLU A 305 23.13 -6.58 18.84
CA GLU A 305 21.85 -7.27 18.96
C GLU A 305 21.60 -8.19 17.78
N ASN A 306 22.06 -7.82 16.58
CA ASN A 306 22.00 -8.68 15.40
C ASN A 306 22.72 -7.99 14.24
N PRO A 307 24.02 -8.23 14.07
CA PRO A 307 24.76 -7.50 13.01
C PRO A 307 24.29 -7.82 11.61
N ALA A 308 23.63 -8.96 11.41
CA ALA A 308 23.17 -9.30 10.08
C ALA A 308 22.18 -8.26 9.54
N ARG A 309 21.45 -7.58 10.43
CA ARG A 309 20.44 -6.63 9.99
C ARG A 309 21.07 -5.41 9.31
N MET A 310 21.97 -4.71 9.99
CA MET A 310 22.68 -3.59 9.35
C MET A 310 23.54 -4.10 8.19
N LYS A 311 24.09 -5.31 8.30
CA LYS A 311 24.86 -5.87 7.20
C LYS A 311 24.04 -5.93 5.92
N GLN A 312 22.77 -6.34 6.02
CA GLN A 312 21.92 -6.45 4.84
C GLN A 312 21.67 -5.08 4.21
N LEU A 313 21.49 -4.05 5.04
CA LEU A 313 21.40 -2.69 4.50
C LEU A 313 22.71 -2.32 3.82
N ALA A 314 23.84 -2.61 4.48
CA ALA A 314 25.15 -2.28 3.92
C ALA A 314 25.33 -2.93 2.55
N VAL A 315 24.93 -4.19 2.41
CA VAL A 315 25.12 -4.87 1.14
C VAL A 315 24.06 -4.47 0.12
N ARG A 316 22.76 -4.48 0.51
CA ARG A 316 21.72 -4.30 -0.50
C ARG A 316 21.46 -2.84 -0.84
N VAL A 317 21.74 -1.91 0.06
CA VAL A 317 21.48 -0.49 -0.17
C VAL A 317 22.77 0.30 -0.40
N PHE A 318 23.82 0.03 0.38
CA PHE A 318 25.00 0.89 0.37
C PHE A 318 26.17 0.30 -0.40
N GLY A 319 25.96 -0.77 -1.17
CA GLY A 319 26.98 -1.28 -2.09
C GLY A 319 28.28 -1.75 -1.45
N VAL A 320 28.24 -2.20 -0.22
CA VAL A 320 29.45 -2.69 0.44
C VAL A 320 29.75 -4.10 -0.06
N GLU A 321 31.00 -4.34 -0.45
CA GLU A 321 31.42 -5.67 -0.85
C GLU A 321 31.83 -6.44 0.39
N GLU A 322 31.26 -7.63 0.56
CA GLU A 322 31.44 -8.41 1.78
C GLU A 322 32.64 -9.34 1.77
N ALA A 323 33.34 -9.48 0.64
CA ALA A 323 34.42 -10.45 0.50
C ALA A 323 35.44 -10.30 1.61
N GLY A 324 35.66 -11.37 2.37
CA GLY A 324 36.69 -11.38 3.40
C GLY A 324 36.49 -10.41 4.53
N LYS A 325 35.25 -10.13 4.92
CA LYS A 325 34.94 -9.26 6.05
C LYS A 325 33.94 -9.94 6.98
N THR A 326 34.02 -9.62 8.26
CA THR A 326 33.03 -10.11 9.19
C THR A 326 31.72 -9.36 8.99
N ASP A 327 30.64 -9.94 9.52
CA ASP A 327 29.35 -9.29 9.45
C ASP A 327 29.39 -7.90 10.09
N LYS A 328 30.08 -7.78 11.22
CA LYS A 328 30.20 -6.49 11.91
C LYS A 328 30.96 -5.48 11.07
N GLU A 329 32.09 -5.89 10.47
CA GLU A 329 32.84 -4.98 9.62
C GLU A 329 31.97 -4.49 8.47
N VAL A 330 31.30 -5.43 7.79
CA VAL A 330 30.45 -5.06 6.65
C VAL A 330 29.41 -4.04 7.10
N ALA A 331 28.76 -4.30 8.24
CA ALA A 331 27.74 -3.37 8.74
C ALA A 331 28.34 -2.00 9.04
N LEU A 332 29.48 -1.97 9.75
CA LEU A 332 30.07 -0.69 10.13
C LEU A 332 30.48 0.13 8.91
N GLU A 333 31.00 -0.54 7.87
CA GLU A 333 31.25 0.16 6.62
C GLU A 333 29.95 0.73 6.05
N GLY A 334 28.84 0.00 6.18
CA GLY A 334 27.56 0.50 5.72
C GLY A 334 27.08 1.72 6.50
N ILE A 335 27.28 1.72 7.82
CA ILE A 335 26.92 2.89 8.63
C ILE A 335 27.77 4.08 8.23
N ASP A 336 29.05 3.82 7.92
CA ASP A 336 29.93 4.89 7.47
C ASP A 336 29.43 5.48 6.15
N LYS A 337 29.08 4.61 5.20
CA LYS A 337 28.57 5.11 3.92
C LYS A 337 27.26 5.87 4.10
N LEU A 338 26.37 5.40 4.99
CA LEU A 338 25.15 6.16 5.26
C LEU A 338 25.48 7.56 5.80
N SER A 339 26.32 7.63 6.83
CA SER A 339 26.64 8.93 7.43
C SER A 339 27.29 9.85 6.42
N ALA A 340 28.21 9.33 5.60
CA ALA A 340 28.83 10.14 4.55
C ALA A 340 27.82 10.64 3.52
N PHE A 341 26.85 9.80 3.16
CA PHE A 341 25.84 10.21 2.18
C PHE A 341 25.03 11.39 2.71
N TRP A 342 24.58 11.29 3.97
CA TRP A 342 23.84 12.39 4.59
C TRP A 342 24.68 13.66 4.68
N THR A 343 25.94 13.52 5.11
CA THR A 343 26.82 14.68 5.20
C THR A 343 27.05 15.29 3.82
N SER A 344 27.14 14.45 2.78
CA SER A 344 27.28 14.97 1.43
C SER A 344 26.07 15.78 1.00
N LEU A 345 24.89 15.54 1.57
CA LEU A 345 23.74 16.37 1.27
C LEU A 345 23.73 17.69 2.03
N GLY A 346 24.59 17.85 3.05
CA GLY A 346 24.58 19.01 3.91
C GLY A 346 24.07 18.76 5.32
N ALA A 347 23.66 17.53 5.64
CA ALA A 347 23.19 17.25 6.99
C ALA A 347 24.36 17.30 7.98
N PRO A 348 24.10 17.70 9.23
CA PRO A 348 25.15 17.66 10.25
C PRO A 348 25.43 16.23 10.71
N ASN A 349 26.55 16.05 11.43
CA ASN A 349 26.85 14.71 11.91
C ASN A 349 27.40 14.66 13.32
N ARG A 350 27.53 15.81 13.99
CA ARG A 350 27.91 15.84 15.39
C ARG A 350 27.06 16.88 16.09
N LEU A 351 26.80 16.64 17.37
CA LEU A 351 26.08 17.61 18.19
C LEU A 351 26.77 18.97 18.18
N ALA A 352 28.10 18.99 18.02
CA ALA A 352 28.84 20.25 18.01
C ALA A 352 28.47 21.13 16.82
N ASP A 353 27.93 20.54 15.75
CA ASP A 353 27.48 21.33 14.60
C ASP A 353 26.37 22.30 14.99
N TYR A 354 25.53 21.95 15.98
CA TYR A 354 24.51 22.85 16.52
C TYR A 354 24.95 23.54 17.80
N ASP A 355 26.25 23.51 18.09
CA ASP A 355 26.83 24.11 19.29
C ASP A 355 26.25 23.48 20.56
N ILE A 356 26.09 22.16 20.55
CA ILE A 356 25.62 21.40 21.71
C ILE A 356 26.79 20.61 22.27
N ASN A 357 27.10 20.83 23.56
CA ASN A 357 28.16 20.12 24.27
C ASN A 357 27.57 19.01 25.16
N ASP A 358 28.31 18.58 26.17
CA ASP A 358 27.85 17.47 27.01
C ASP A 358 27.17 17.95 28.29
N GLU A 359 26.89 19.25 28.39
CA GLU A 359 26.38 19.81 29.65
C GLU A 359 25.02 19.23 30.02
N GLN A 360 24.13 19.07 29.04
CA GLN A 360 22.75 18.70 29.29
C GLN A 360 22.42 17.25 28.91
N LEU A 361 23.45 16.41 28.71
CA LEU A 361 23.20 15.05 28.26
C LEU A 361 22.38 14.26 29.27
N ASP A 362 22.67 14.45 30.56
CA ASP A 362 21.94 13.73 31.60
C ASP A 362 20.47 14.11 31.60
N THR A 363 20.18 15.42 31.54
CA THR A 363 18.81 15.88 31.47
C THR A 363 18.09 15.35 30.23
N ILE A 364 18.80 15.28 29.11
CA ILE A 364 18.22 14.73 27.89
C ILE A 364 17.92 13.24 28.06
N ALA A 365 18.88 12.49 28.61
CA ALA A 365 18.66 11.06 28.85
C ALA A 365 17.46 10.83 29.77
N ASP A 366 17.34 11.62 30.83
CA ASP A 366 16.19 11.51 31.72
C ASP A 366 14.87 11.76 30.97
N LYS A 367 14.84 12.76 30.08
CA LYS A 367 13.63 12.97 29.28
C LYS A 367 13.34 11.77 28.37
N ALA A 368 14.37 11.22 27.75
CA ALA A 368 14.17 10.03 26.92
C ALA A 368 13.64 8.86 27.74
N MET A 369 13.97 8.79 29.03
CA MET A 369 13.56 7.66 29.87
C MET A 369 12.30 7.94 30.67
N ALA A 370 11.58 9.02 30.37
CA ALA A 370 10.46 9.41 31.21
C ALA A 370 9.38 8.34 31.28
N ASN A 371 9.28 7.50 30.25
CA ASN A 371 8.32 6.41 30.20
C ASN A 371 8.95 5.02 30.36
N GLY A 372 10.14 4.94 30.92
CA GLY A 372 10.78 3.64 31.06
C GLY A 372 11.57 3.27 29.82
N THR A 373 12.05 2.03 29.80
CA THR A 373 12.83 1.55 28.67
C THR A 373 12.02 1.69 27.37
N PHE A 374 12.73 1.87 26.26
CA PHE A 374 12.06 2.08 24.97
C PHE A 374 12.92 1.47 23.85
N GLY A 375 12.26 1.10 22.77
CA GLY A 375 12.93 0.52 21.62
C GLY A 375 12.61 -0.96 21.47
N GLN A 376 12.67 -1.46 20.23
CA GLN A 376 12.39 -2.87 19.94
C GLN A 376 13.61 -3.65 19.46
N PHE A 377 14.43 -3.08 18.57
CA PHE A 377 15.66 -3.76 18.19
C PHE A 377 16.56 -3.95 19.41
N LYS A 378 16.61 -2.93 20.26
CA LYS A 378 17.24 -3.07 21.58
C LYS A 378 16.46 -2.21 22.56
N SER A 379 16.10 -2.78 23.71
CA SER A 379 15.44 -1.98 24.74
C SER A 379 16.50 -1.11 25.43
N LEU A 380 16.40 0.21 25.26
CA LEU A 380 17.40 1.14 25.77
C LEU A 380 17.05 1.61 27.16
N ASN A 381 18.04 1.68 28.05
CA ASN A 381 17.86 2.37 29.32
C ASN A 381 18.76 3.60 29.35
N LYS A 382 18.80 4.27 30.50
CA LYS A 382 19.51 5.54 30.59
C LYS A 382 20.96 5.42 30.13
N GLU A 383 21.63 4.35 30.53
CA GLU A 383 23.03 4.17 30.16
C GLU A 383 23.21 4.03 28.65
N ASP A 384 22.25 3.40 27.97
CA ASP A 384 22.28 3.37 26.51
C ASP A 384 22.16 4.77 25.93
N VAL A 385 21.19 5.55 26.40
CA VAL A 385 20.97 6.89 25.85
C VAL A 385 22.21 7.75 26.03
N LEU A 386 22.79 7.72 27.24
CA LEU A 386 23.99 8.51 27.49
C LEU A 386 25.12 8.08 26.56
N ALA A 387 25.31 6.77 26.38
CA ALA A 387 26.36 6.33 25.48
C ALA A 387 26.14 6.82 24.06
N ILE A 388 24.91 6.73 23.55
CA ILE A 388 24.61 7.21 22.21
C ILE A 388 24.80 8.71 22.13
N LEU A 389 24.33 9.45 23.15
CA LEU A 389 24.47 10.90 23.15
C LEU A 389 25.94 11.29 23.15
N LYS A 390 26.73 10.69 24.04
CA LYS A 390 28.15 11.05 24.13
C LYS A 390 28.87 10.70 22.84
N ALA A 391 28.56 9.54 22.26
CA ALA A 391 29.21 9.16 21.01
C ALA A 391 28.88 10.11 19.89
N SER A 392 27.85 10.95 20.07
CA SER A 392 27.35 11.85 19.05
C SER A 392 27.89 13.27 19.18
N LEU A 393 28.58 13.58 20.28
CA LEU A 393 29.17 14.90 20.47
C LEU A 393 30.12 15.26 19.34
N MET B 7 4.43 10.04 -18.03
CA MET B 7 3.37 11.03 -17.80
C MET B 7 2.10 10.39 -17.21
N HIS B 8 1.87 10.53 -15.90
CA HIS B 8 0.69 9.90 -15.31
C HIS B 8 0.29 10.53 -13.99
N ASN B 9 -1.00 10.84 -13.87
CA ASN B 9 -1.72 11.19 -12.66
C ASN B 9 -2.45 9.94 -12.15
N PHE B 10 -2.70 9.87 -10.85
CA PHE B 10 -3.40 8.68 -10.37
C PHE B 10 -4.21 9.00 -9.13
N THR B 11 -5.23 8.18 -8.90
CA THR B 11 -6.04 8.20 -7.69
C THR B 11 -5.94 6.83 -7.04
N TYR B 12 -5.57 6.80 -5.77
CA TYR B 12 -5.54 5.56 -5.00
C TYR B 12 -6.61 5.60 -3.90
N TRP B 13 -7.41 4.54 -3.81
CA TRP B 13 -8.38 4.40 -2.72
C TRP B 13 -8.68 2.93 -2.50
N ASN B 14 -8.45 2.45 -1.28
CA ASN B 14 -8.68 1.04 -0.96
C ASN B 14 -9.17 0.97 0.46
N PRO B 15 -10.49 0.91 0.68
CA PRO B 15 -11.05 0.88 2.02
C PRO B 15 -11.14 -0.48 2.69
N THR B 16 -10.59 -1.53 2.08
CA THR B 16 -10.74 -2.87 2.64
C THR B 16 -9.95 -3.02 3.94
N LYS B 17 -10.58 -3.55 4.98
CA LYS B 17 -9.84 -3.88 6.19
C LYS B 17 -9.16 -5.23 6.05
N LEU B 18 -7.85 -5.26 6.24
CA LEU B 18 -7.08 -6.52 6.10
C LEU B 18 -6.71 -7.09 7.46
N ILE B 19 -7.20 -8.28 7.76
CA ILE B 19 -6.91 -8.97 9.01
C ILE B 19 -6.02 -10.17 8.70
N PHE B 20 -4.78 -10.16 9.22
CA PHE B 20 -3.74 -11.11 8.85
C PHE B 20 -3.21 -11.81 10.09
N GLY B 21 -3.20 -13.14 10.08
CA GLY B 21 -2.51 -13.88 11.12
C GLY B 21 -3.18 -15.20 11.44
N ARG B 22 -2.42 -16.05 12.14
CA ARG B 22 -2.87 -17.38 12.50
C ARG B 22 -4.12 -17.32 13.38
N GLY B 23 -5.15 -18.04 12.97
CA GLY B 23 -6.35 -18.16 13.78
C GLY B 23 -7.29 -16.98 13.75
N GLU B 24 -7.08 -16.03 12.82
CA GLU B 24 -7.89 -14.82 12.83
C GLU B 24 -9.30 -15.02 12.29
N VAL B 25 -9.68 -16.25 11.91
CA VAL B 25 -11.09 -16.48 11.63
C VAL B 25 -11.91 -16.20 12.88
N GLU B 26 -11.28 -16.23 14.07
CA GLU B 26 -11.98 -15.88 15.29
C GLU B 26 -12.40 -14.41 15.35
N ARG B 27 -11.93 -13.59 14.42
CA ARG B 27 -12.32 -12.18 14.38
C ARG B 27 -13.69 -11.96 13.77
N LEU B 28 -14.31 -13.00 13.20
CA LEU B 28 -15.62 -12.84 12.56
C LEU B 28 -16.67 -12.19 13.45
N PRO B 29 -16.89 -12.62 14.70
CA PRO B 29 -17.97 -11.99 15.50
C PRO B 29 -17.73 -10.51 15.75
N GLU B 30 -16.50 -10.11 16.10
CA GLU B 30 -16.22 -8.70 16.29
C GLU B 30 -16.45 -7.92 15.00
N GLU B 31 -16.04 -8.49 13.86
CA GLU B 31 -16.21 -7.81 12.58
C GLU B 31 -17.64 -7.81 12.08
N LEU B 32 -18.47 -8.75 12.52
CA LEU B 32 -19.83 -8.81 12.00
C LEU B 32 -20.83 -8.00 12.84
N LYS B 33 -20.42 -7.48 14.01
CA LYS B 33 -21.36 -6.80 14.91
C LYS B 33 -22.05 -5.62 14.25
N SER B 34 -21.38 -4.91 13.35
CA SER B 34 -21.93 -3.69 12.77
C SER B 34 -22.88 -3.97 11.61
N TYR B 35 -23.22 -5.23 11.35
CA TYR B 35 -24.05 -5.58 10.20
C TYR B 35 -25.22 -6.43 10.67
N GLY B 36 -26.17 -6.62 9.76
CA GLY B 36 -27.36 -7.41 10.07
C GLY B 36 -27.01 -8.87 10.29
N LYS B 37 -27.99 -9.59 10.84
CA LYS B 37 -27.78 -10.98 11.25
C LYS B 37 -28.17 -12.01 10.18
N ASN B 38 -28.64 -11.59 9.01
CA ASN B 38 -28.91 -12.50 7.89
C ASN B 38 -27.70 -12.53 6.96
N VAL B 39 -26.93 -13.62 6.99
CA VAL B 39 -25.69 -13.74 6.22
C VAL B 39 -25.82 -14.85 5.20
N LEU B 40 -25.41 -14.56 3.96
CA LEU B 40 -25.28 -15.58 2.91
C LEU B 40 -23.82 -16.03 2.80
N LEU B 41 -23.56 -17.29 3.17
CA LEU B 41 -22.20 -17.90 3.07
C LEU B 41 -21.99 -18.48 1.68
N VAL B 42 -21.03 -17.99 0.93
CA VAL B 42 -20.77 -18.36 -0.45
C VAL B 42 -19.44 -19.10 -0.51
N TYR B 43 -19.42 -20.28 -1.14
CA TYR B 43 -18.17 -21.01 -1.29
C TYR B 43 -18.20 -21.84 -2.56
N GLY B 44 -17.05 -22.46 -2.85
CA GLY B 44 -16.85 -23.17 -4.11
C GLY B 44 -17.14 -24.65 -3.99
N GLY B 45 -16.14 -25.47 -4.28
CA GLY B 45 -16.30 -26.91 -4.26
C GLY B 45 -16.18 -27.51 -2.87
N GLY B 46 -15.67 -28.74 -2.82
CA GLY B 46 -15.58 -29.45 -1.55
C GLY B 46 -14.44 -29.05 -0.65
N SER B 47 -13.57 -28.13 -1.07
CA SER B 47 -12.30 -27.94 -0.35
C SER B 47 -12.52 -27.39 1.06
N ILE B 48 -13.44 -26.45 1.25
CA ILE B 48 -13.60 -25.86 2.57
C ILE B 48 -14.22 -26.86 3.55
N LYS B 49 -15.12 -27.72 3.08
CA LYS B 49 -15.64 -28.78 3.93
C LYS B 49 -14.58 -29.84 4.17
N ARG B 50 -13.81 -30.17 3.13
CA ARG B 50 -12.76 -31.17 3.27
C ARG B 50 -11.67 -30.75 4.24
N SER B 51 -11.34 -29.46 4.28
CA SER B 51 -10.26 -28.98 5.16
C SER B 51 -10.71 -28.75 6.60
N GLY B 52 -12.01 -28.58 6.83
CA GLY B 52 -12.54 -28.15 8.11
C GLY B 52 -12.79 -26.65 8.25
N LEU B 53 -12.42 -25.85 7.25
CA LEU B 53 -12.65 -24.40 7.38
C LEU B 53 -14.14 -24.09 7.42
N TYR B 54 -14.95 -24.83 6.66
CA TYR B 54 -16.40 -24.69 6.75
C TYR B 54 -16.89 -24.78 8.20
N ASP B 55 -16.52 -25.85 8.91
CA ASP B 55 -16.97 -26.02 10.29
C ASP B 55 -16.43 -24.91 11.19
N GLN B 56 -15.19 -24.49 10.96
CA GLN B 56 -14.64 -23.35 11.69
C GLN B 56 -15.52 -22.13 11.51
N VAL B 57 -15.89 -21.83 10.27
CA VAL B 57 -16.64 -20.61 9.99
C VAL B 57 -18.05 -20.72 10.53
N ILE B 58 -18.72 -21.86 10.28
CA ILE B 58 -20.07 -22.06 10.80
C ILE B 58 -20.08 -21.88 12.31
N GLU B 59 -19.06 -22.40 13.00
CA GLU B 59 -18.93 -22.16 14.44
C GLU B 59 -18.91 -20.67 14.76
N GLN B 60 -18.01 -19.90 14.12
CA GLN B 60 -17.96 -18.47 14.38
C GLN B 60 -19.25 -17.76 13.98
N LEU B 61 -19.86 -18.16 12.86
CA LEU B 61 -21.14 -17.57 12.49
C LEU B 61 -22.21 -17.90 13.52
N ASN B 62 -22.07 -19.05 14.20
CA ASN B 62 -22.96 -19.37 15.31
C ASN B 62 -22.69 -18.46 16.51
N LYS B 63 -21.41 -18.22 16.81
CA LYS B 63 -21.05 -17.35 17.93
C LYS B 63 -21.59 -15.94 17.72
N ALA B 64 -21.75 -15.51 16.46
CA ALA B 64 -22.25 -14.19 16.13
C ALA B 64 -23.76 -14.13 16.06
N GLY B 65 -24.46 -15.17 16.50
CA GLY B 65 -25.92 -15.17 16.48
C GLY B 65 -26.52 -14.86 15.13
N VAL B 66 -25.85 -15.30 14.08
CA VAL B 66 -26.24 -14.99 12.70
C VAL B 66 -27.13 -16.10 12.17
N THR B 67 -28.13 -15.73 11.37
CA THR B 67 -28.95 -16.71 10.66
C THR B 67 -28.31 -16.95 9.30
N VAL B 68 -27.78 -18.15 9.09
CA VAL B 68 -26.90 -18.45 7.97
C VAL B 68 -27.67 -19.17 6.88
N HIS B 69 -27.57 -18.68 5.65
CA HIS B 69 -27.90 -19.40 4.45
C HIS B 69 -26.61 -19.64 3.66
N GLU B 70 -26.64 -20.60 2.74
CA GLU B 70 -25.44 -21.01 2.02
C GLU B 70 -25.68 -20.89 0.52
N LEU B 71 -24.60 -20.59 -0.21
CA LEU B 71 -24.57 -20.77 -1.66
C LEU B 71 -23.30 -21.54 -1.98
N ALA B 72 -23.42 -22.86 -2.10
CA ALA B 72 -22.28 -23.72 -2.40
C ALA B 72 -22.20 -24.03 -3.89
N GLY B 73 -21.00 -24.39 -4.32
CA GLY B 73 -20.78 -24.82 -5.68
C GLY B 73 -20.36 -23.77 -6.69
N VAL B 74 -19.88 -22.60 -6.25
CA VAL B 74 -19.33 -21.62 -7.18
C VAL B 74 -18.23 -22.26 -8.01
N GLU B 75 -18.29 -22.06 -9.34
CA GLU B 75 -17.38 -22.69 -10.29
C GLU B 75 -16.03 -21.97 -10.31
N PRO B 76 -14.96 -22.71 -10.60
CA PRO B 76 -13.62 -22.09 -10.71
C PRO B 76 -13.56 -20.92 -11.68
N ASN B 77 -14.31 -20.97 -12.78
CA ASN B 77 -14.61 -19.80 -13.60
C ASN B 77 -16.06 -19.43 -13.32
N PRO B 78 -16.31 -18.54 -12.36
CA PRO B 78 -17.69 -18.30 -11.88
C PRO B 78 -18.67 -17.83 -12.96
N ARG B 79 -19.89 -18.41 -12.93
CA ARG B 79 -20.97 -18.27 -13.91
C ARG B 79 -22.12 -17.37 -13.42
N VAL B 80 -22.72 -16.59 -14.32
CA VAL B 80 -23.86 -15.71 -13.97
C VAL B 80 -25.03 -16.48 -13.35
N SER B 81 -25.34 -17.67 -13.89
CA SER B 81 -26.44 -18.45 -13.35
C SER B 81 -26.27 -18.66 -11.86
N THR B 82 -25.03 -18.91 -11.42
CA THR B 82 -24.75 -19.05 -10.00
C THR B 82 -24.88 -17.70 -9.29
N VAL B 83 -24.42 -16.61 -9.93
CA VAL B 83 -24.63 -15.29 -9.36
C VAL B 83 -26.13 -15.01 -9.19
N ASN B 84 -26.92 -15.31 -10.23
CA ASN B 84 -28.36 -15.08 -10.14
C ASN B 84 -28.99 -15.92 -9.04
N LYS B 85 -28.53 -17.16 -8.87
CA LYS B 85 -29.03 -17.98 -7.76
C LYS B 85 -28.76 -17.31 -6.42
N GLY B 86 -27.55 -16.78 -6.23
CA GLY B 86 -27.25 -16.11 -4.97
C GLY B 86 -28.04 -14.84 -4.75
N VAL B 87 -28.21 -14.03 -5.81
CA VAL B 87 -29.01 -12.82 -5.66
C VAL B 87 -30.42 -13.16 -5.24
N ALA B 88 -30.97 -14.24 -5.80
CA ALA B 88 -32.28 -14.74 -5.40
C ALA B 88 -32.31 -15.13 -3.93
N LEU B 89 -31.29 -15.84 -3.45
CA LEU B 89 -31.26 -16.23 -2.05
C LEU B 89 -31.26 -15.00 -1.13
N CYS B 90 -30.57 -13.93 -1.54
CA CYS B 90 -30.55 -12.71 -0.74
C CYS B 90 -31.94 -12.08 -0.65
N LYS B 91 -32.68 -12.10 -1.76
CA LYS B 91 -34.06 -11.62 -1.71
C LYS B 91 -34.92 -12.51 -0.83
N GLU B 92 -34.78 -13.83 -0.97
CA GLU B 92 -35.66 -14.76 -0.28
C GLU B 92 -35.47 -14.67 1.24
N HIS B 93 -34.22 -14.71 1.69
CA HIS B 93 -33.93 -14.75 3.12
C HIS B 93 -33.59 -13.39 3.71
N HIS B 94 -33.84 -12.31 2.97
CA HIS B 94 -33.61 -10.96 3.46
C HIS B 94 -32.17 -10.81 3.99
N ILE B 95 -31.22 -11.24 3.16
CA ILE B 95 -29.81 -11.26 3.56
C ILE B 95 -29.30 -9.84 3.74
N ASP B 96 -28.52 -9.64 4.80
CA ASP B 96 -27.89 -8.36 5.08
C ASP B 96 -26.43 -8.29 4.66
N PHE B 97 -25.71 -9.41 4.68
CA PHE B 97 -24.27 -9.45 4.55
C PHE B 97 -23.86 -10.77 3.90
N LEU B 98 -22.79 -10.74 3.11
CA LEU B 98 -22.26 -11.93 2.45
C LEU B 98 -20.87 -12.25 2.96
N LEU B 99 -20.58 -13.54 3.15
CA LEU B 99 -19.25 -13.99 3.55
C LEU B 99 -18.73 -14.98 2.52
N ALA B 100 -17.69 -14.58 1.79
CA ALA B 100 -17.06 -15.45 0.81
C ALA B 100 -15.96 -16.20 1.52
N VAL B 101 -16.01 -17.52 1.46
CA VAL B 101 -14.96 -18.38 2.02
C VAL B 101 -14.40 -19.21 0.86
N GLY B 102 -13.19 -18.90 0.45
CA GLY B 102 -12.61 -19.59 -0.70
C GLY B 102 -11.55 -18.71 -1.37
N GLY B 103 -11.36 -18.94 -2.66
CA GLY B 103 -10.38 -18.20 -3.43
C GLY B 103 -11.01 -17.11 -4.28
N GLY B 104 -10.23 -16.64 -5.25
CA GLY B 104 -10.65 -15.51 -6.06
C GLY B 104 -11.98 -15.72 -6.75
N SER B 105 -12.22 -16.94 -7.22
CA SER B 105 -13.48 -17.23 -7.89
C SER B 105 -14.67 -17.00 -6.97
N VAL B 106 -14.57 -17.45 -5.72
CA VAL B 106 -15.64 -17.28 -4.75
C VAL B 106 -15.86 -15.80 -4.45
N ILE B 107 -14.77 -15.02 -4.35
CA ILE B 107 -14.91 -13.60 -4.04
C ILE B 107 -15.46 -12.84 -5.24
N ASP B 108 -14.95 -13.12 -6.44
CA ASP B 108 -15.47 -12.47 -7.63
C ASP B 108 -16.99 -12.70 -7.76
N CYS B 109 -17.43 -13.95 -7.47
CA CYS B 109 -18.86 -14.28 -7.49
C CYS B 109 -19.60 -13.56 -6.37
N THR B 110 -19.03 -13.55 -5.18
CA THR B 110 -19.66 -12.85 -4.06
C THR B 110 -19.83 -11.37 -4.35
N LYS B 111 -18.85 -10.76 -5.05
CA LYS B 111 -18.97 -9.34 -5.40
C LYS B 111 -20.19 -9.11 -6.29
N ALA B 112 -20.47 -10.05 -7.20
CA ALA B 112 -21.59 -9.90 -8.12
C ALA B 112 -22.93 -10.13 -7.44
N ILE B 113 -22.98 -11.05 -6.47
CA ILE B 113 -24.20 -11.22 -5.70
C ILE B 113 -24.47 -10.00 -4.84
N ALA B 114 -23.40 -9.39 -4.30
CA ALA B 114 -23.56 -8.20 -3.47
C ALA B 114 -24.14 -7.04 -4.26
N ALA B 115 -23.66 -6.84 -5.48
CA ALA B 115 -24.23 -5.81 -6.35
C ALA B 115 -25.60 -6.23 -6.85
N GLY B 116 -25.77 -7.50 -7.21
CA GLY B 116 -27.02 -8.00 -7.75
C GLY B 116 -28.18 -8.04 -6.78
N ALA B 117 -27.91 -8.04 -5.47
CA ALA B 117 -28.94 -8.07 -4.46
C ALA B 117 -29.66 -6.73 -4.25
N LYS B 118 -29.14 -5.66 -4.84
CA LYS B 118 -29.76 -4.35 -4.78
C LYS B 118 -30.07 -3.86 -6.19
N TYR B 119 -30.06 -4.76 -7.16
CA TYR B 119 -30.44 -4.47 -8.53
C TYR B 119 -31.66 -5.31 -8.89
N ASP B 120 -32.67 -4.64 -9.45
CA ASP B 120 -33.98 -5.27 -9.70
C ASP B 120 -33.92 -6.34 -10.77
N GLY B 121 -33.00 -6.25 -11.71
CA GLY B 121 -32.94 -7.17 -12.85
C GLY B 121 -31.95 -8.30 -12.65
N ASP B 122 -31.24 -8.64 -13.73
CA ASP B 122 -30.34 -9.79 -13.80
C ASP B 122 -28.88 -9.34 -13.71
N ALA B 123 -28.09 -10.10 -12.95
CA ALA B 123 -26.71 -9.70 -12.66
C ALA B 123 -25.84 -9.59 -13.91
N TRP B 124 -26.16 -10.31 -14.99
CA TRP B 124 -25.37 -10.18 -16.21
C TRP B 124 -25.34 -8.76 -16.73
N ASP B 125 -26.41 -7.98 -16.46
CA ASP B 125 -26.41 -6.57 -16.78
C ASP B 125 -25.25 -5.84 -16.11
N ILE B 126 -24.94 -6.19 -14.85
CA ILE B 126 -23.84 -5.54 -14.13
C ILE B 126 -22.49 -5.96 -14.71
N VAL B 127 -22.31 -7.25 -14.98
CA VAL B 127 -21.04 -7.76 -15.47
C VAL B 127 -20.67 -7.12 -16.81
N THR B 128 -21.67 -6.91 -17.67
CA THR B 128 -21.47 -6.33 -18.99
C THR B 128 -21.37 -4.81 -18.96
N LYS B 129 -21.49 -4.18 -17.79
CA LYS B 129 -21.38 -2.73 -17.59
C LYS B 129 -22.57 -1.97 -18.20
N LYS B 130 -23.68 -2.66 -18.42
CA LYS B 130 -24.91 -1.99 -18.84
C LYS B 130 -25.53 -1.21 -17.68
N HIS B 131 -25.51 -1.79 -16.48
CA HIS B 131 -25.97 -1.12 -15.27
C HIS B 131 -24.77 -0.92 -14.35
N GLN B 132 -24.44 0.35 -14.08
CA GLN B 132 -23.38 0.67 -13.12
C GLN B 132 -23.99 0.61 -11.73
N PRO B 133 -23.49 -0.24 -10.84
CA PRO B 133 -24.16 -0.41 -9.53
C PRO B 133 -24.21 0.90 -8.76
N LYS B 134 -25.38 1.14 -8.16
CA LYS B 134 -25.63 2.29 -7.31
C LYS B 134 -25.71 1.92 -5.85
N ASP B 135 -25.73 0.62 -5.54
CA ASP B 135 -25.77 0.14 -4.17
C ASP B 135 -25.24 -1.29 -4.19
N ALA B 136 -24.94 -1.82 -3.02
CA ALA B 136 -24.57 -3.22 -2.91
C ALA B 136 -24.71 -3.63 -1.45
N LEU B 137 -25.01 -4.90 -1.24
CA LEU B 137 -24.87 -5.44 0.10
C LEU B 137 -23.40 -5.40 0.50
N PRO B 138 -23.11 -5.20 1.78
CA PRO B 138 -21.73 -5.36 2.26
C PRO B 138 -21.36 -6.83 2.29
N PHE B 139 -20.06 -7.12 2.18
CA PHE B 139 -19.60 -8.50 2.23
C PHE B 139 -18.18 -8.52 2.80
N GLY B 140 -17.77 -9.72 3.25
CA GLY B 140 -16.43 -9.96 3.73
C GLY B 140 -15.89 -11.27 3.16
N THR B 141 -14.62 -11.53 3.40
CA THR B 141 -14.01 -12.74 2.84
C THR B 141 -13.15 -13.43 3.89
N VAL B 142 -13.04 -14.76 3.76
CA VAL B 142 -11.99 -15.54 4.44
C VAL B 142 -11.24 -16.27 3.34
N LEU B 143 -10.00 -15.87 3.09
CA LEU B 143 -9.28 -16.26 1.89
C LEU B 143 -8.57 -17.60 2.07
N THR B 144 -8.68 -18.47 1.05
CA THR B 144 -8.00 -19.77 1.06
C THR B 144 -6.87 -19.91 0.05
N LEU B 145 -6.63 -18.92 -0.82
CA LEU B 145 -5.44 -18.83 -1.67
C LEU B 145 -5.33 -17.44 -2.29
N ALA B 146 -4.13 -16.85 -2.22
CA ALA B 146 -3.87 -15.60 -2.91
C ALA B 146 -3.65 -15.88 -4.40
N ALA B 147 -4.04 -14.94 -5.25
CA ALA B 147 -3.76 -15.11 -6.67
C ALA B 147 -3.81 -13.79 -7.41
N THR B 148 -5.00 -13.21 -7.51
CA THR B 148 -5.22 -11.98 -8.27
C THR B 148 -5.45 -10.77 -7.38
N GLY B 149 -5.43 -10.94 -6.06
CA GLY B 149 -5.69 -9.78 -5.22
C GLY B 149 -7.16 -9.47 -4.99
N SER B 150 -8.07 -10.41 -5.30
CA SER B 150 -9.49 -10.07 -5.26
C SER B 150 -9.97 -9.81 -3.84
N GLU B 151 -9.31 -10.39 -2.84
CA GLU B 151 -9.62 -10.14 -1.45
C GLU B 151 -9.41 -8.69 -1.07
N MET B 152 -8.83 -7.87 -1.96
CA MET B 152 -8.52 -6.49 -1.60
C MET B 152 -8.62 -5.54 -2.79
N ASN B 153 -9.49 -5.82 -3.74
CA ASN B 153 -9.74 -4.89 -4.83
C ASN B 153 -11.23 -4.94 -5.13
N SER B 154 -11.66 -4.14 -6.10
CA SER B 154 -13.07 -3.99 -6.40
C SER B 154 -13.45 -4.66 -7.70
N GLY B 155 -12.57 -5.50 -8.26
CA GLY B 155 -12.82 -6.12 -9.55
C GLY B 155 -13.36 -7.53 -9.41
N SER B 156 -13.97 -8.00 -10.50
CA SER B 156 -14.62 -9.31 -10.54
C SER B 156 -14.73 -9.75 -12.00
N VAL B 157 -14.48 -11.03 -12.26
CA VAL B 157 -14.53 -11.59 -13.60
C VAL B 157 -15.55 -12.73 -13.60
N ILE B 158 -16.57 -12.62 -14.46
CA ILE B 158 -17.70 -13.54 -14.47
C ILE B 158 -17.84 -14.11 -15.88
N THR B 159 -18.21 -15.38 -15.97
CA THR B 159 -18.39 -16.06 -17.23
C THR B 159 -19.89 -16.31 -17.48
N ASN B 160 -20.33 -16.11 -18.72
CA ASN B 160 -21.65 -16.55 -19.16
C ASN B 160 -21.48 -17.81 -19.98
N TRP B 161 -21.83 -18.96 -19.39
CA TRP B 161 -21.66 -20.23 -20.09
C TRP B 161 -22.48 -20.27 -21.37
N GLU B 162 -23.65 -19.65 -21.39
CA GLU B 162 -24.51 -19.68 -22.56
C GLU B 162 -23.89 -18.89 -23.71
N THR B 163 -23.55 -17.63 -23.48
CA THR B 163 -22.98 -16.81 -24.53
C THR B 163 -21.52 -17.12 -24.78
N LYS B 164 -20.88 -17.91 -23.91
CA LYS B 164 -19.45 -18.21 -24.00
C LYS B 164 -18.62 -16.92 -23.90
N GLU B 165 -19.09 -15.98 -23.07
CA GLU B 165 -18.37 -14.75 -22.78
C GLU B 165 -17.84 -14.74 -21.35
N LYS B 166 -16.72 -14.05 -21.15
CA LYS B 166 -16.10 -13.90 -19.83
C LYS B 166 -15.62 -12.46 -19.70
N TYR B 167 -16.21 -11.68 -18.79
CA TYR B 167 -15.97 -10.25 -18.72
C TYR B 167 -15.51 -9.82 -17.33
N GLY B 168 -14.60 -8.84 -17.30
CA GLY B 168 -14.18 -8.20 -16.07
C GLY B 168 -14.90 -6.87 -15.85
N TRP B 169 -15.51 -6.74 -14.68
CA TRP B 169 -16.22 -5.53 -14.25
C TRP B 169 -15.70 -5.15 -12.87
N GLY B 170 -16.17 -4.01 -12.37
CA GLY B 170 -15.79 -3.57 -11.05
C GLY B 170 -16.68 -2.44 -10.61
N SER B 171 -16.58 -2.11 -9.32
CA SER B 171 -17.32 -0.98 -8.79
C SER B 171 -16.71 -0.57 -7.46
N PRO B 172 -16.61 0.72 -7.15
CA PRO B 172 -16.17 1.14 -5.81
C PRO B 172 -17.05 0.60 -4.69
N LEU B 173 -18.25 0.10 -5.00
CA LEU B 173 -19.17 -0.35 -3.97
C LEU B 173 -18.95 -1.79 -3.54
N VAL B 174 -18.05 -2.53 -4.19
CA VAL B 174 -17.83 -3.94 -3.88
C VAL B 174 -16.37 -4.26 -3.52
N PHE B 175 -15.69 -3.31 -2.88
CA PHE B 175 -14.56 -3.66 -2.05
C PHE B 175 -15.06 -4.50 -0.87
N PRO B 176 -14.35 -5.57 -0.50
CA PRO B 176 -14.70 -6.26 0.74
C PRO B 176 -14.61 -5.28 1.91
N LYS B 177 -15.52 -5.44 2.87
CA LYS B 177 -15.40 -4.68 4.11
C LYS B 177 -14.20 -5.14 4.90
N PHE B 178 -13.99 -6.46 4.99
CA PHE B 178 -12.83 -7.03 5.63
C PHE B 178 -12.44 -8.32 4.90
N SER B 179 -11.17 -8.68 4.99
CA SER B 179 -10.70 -9.94 4.44
C SER B 179 -9.78 -10.55 5.47
N ILE B 180 -10.09 -11.77 5.86
CA ILE B 180 -9.34 -12.48 6.90
C ILE B 180 -8.35 -13.42 6.21
N LEU B 181 -7.08 -13.23 6.50
CA LEU B 181 -6.02 -13.91 5.77
C LEU B 181 -5.24 -14.73 6.77
N ASP B 182 -5.49 -16.03 6.81
CA ASP B 182 -4.74 -16.94 7.67
C ASP B 182 -3.89 -17.84 6.81
N PRO B 183 -2.56 -17.78 6.89
CA PRO B 183 -1.72 -18.69 6.08
C PRO B 183 -2.09 -20.15 6.27
N VAL B 184 -2.53 -20.54 7.47
CA VAL B 184 -2.98 -21.91 7.70
C VAL B 184 -4.12 -22.29 6.77
N ASN B 185 -4.99 -21.32 6.43
CA ASN B 185 -6.10 -21.59 5.54
C ASN B 185 -5.68 -21.85 4.10
N THR B 186 -4.41 -21.66 3.76
CA THR B 186 -3.92 -22.04 2.44
C THR B 186 -3.18 -23.39 2.43
N PHE B 187 -3.03 -24.05 3.59
CA PHE B 187 -2.21 -25.27 3.65
C PHE B 187 -2.73 -26.37 2.74
N THR B 188 -4.05 -26.52 2.60
CA THR B 188 -4.58 -27.65 1.85
C THR B 188 -4.69 -27.40 0.36
N VAL B 189 -4.33 -26.20 -0.11
CA VAL B 189 -4.32 -25.97 -1.55
C VAL B 189 -3.28 -26.90 -2.17
N PRO B 190 -3.65 -27.75 -3.13
CA PRO B 190 -2.68 -28.70 -3.69
C PRO B 190 -1.64 -28.00 -4.57
N LYS B 191 -0.60 -28.77 -4.88
CA LYS B 191 0.55 -28.26 -5.63
C LYS B 191 0.15 -27.54 -6.92
N ASN B 192 -0.70 -28.15 -7.74
CA ASN B 192 -1.06 -27.52 -9.01
C ASN B 192 -1.69 -26.13 -8.81
N HIS B 193 -2.65 -26.03 -7.88
CA HIS B 193 -3.30 -24.73 -7.66
C HIS B 193 -2.38 -23.77 -6.93
N THR B 194 -1.50 -24.30 -6.08
CA THR B 194 -0.49 -23.45 -5.43
C THR B 194 0.42 -22.84 -6.49
N ILE B 195 0.80 -23.62 -7.51
CA ILE B 195 1.61 -23.10 -8.59
C ILE B 195 0.82 -22.09 -9.42
N TYR B 196 -0.43 -22.42 -9.75
CA TYR B 196 -1.27 -21.49 -10.48
C TYR B 196 -1.35 -20.14 -9.78
N GLY B 197 -1.53 -20.15 -8.45
CA GLY B 197 -1.62 -18.90 -7.72
C GLY B 197 -0.37 -18.05 -7.87
N MET B 198 0.80 -18.68 -7.85
CA MET B 198 2.05 -17.92 -7.91
C MET B 198 2.30 -17.38 -9.31
N VAL B 199 1.95 -18.16 -10.34
CA VAL B 199 2.01 -17.66 -11.71
C VAL B 199 1.09 -16.45 -11.88
N ASP B 200 -0.12 -16.56 -11.35
CA ASP B 200 -1.06 -15.46 -11.44
C ASP B 200 -0.54 -14.21 -10.75
N MET B 201 0.05 -14.38 -9.56
CA MET B 201 0.64 -13.24 -8.85
C MET B 201 1.76 -12.60 -9.66
N MET B 202 2.65 -13.42 -10.22
CA MET B 202 3.74 -12.86 -11.02
C MET B 202 3.19 -12.19 -12.27
N SER B 203 2.18 -12.80 -12.90
CA SER B 203 1.59 -12.24 -14.10
C SER B 203 0.96 -10.88 -13.83
N HIS B 204 0.35 -10.72 -12.65
CA HIS B 204 -0.24 -9.43 -12.30
C HIS B 204 0.82 -8.35 -12.19
N VAL B 205 1.98 -8.68 -11.62
CA VAL B 205 3.08 -7.72 -11.55
C VAL B 205 3.56 -7.34 -12.94
N PHE B 206 3.76 -8.35 -13.81
CA PHE B 206 4.12 -8.05 -15.20
C PHE B 206 3.15 -7.08 -15.83
N GLU B 207 1.83 -7.33 -15.69
CA GLU B 207 0.84 -6.46 -16.29
C GLU B 207 1.04 -5.02 -15.80
N GLN B 208 1.38 -4.83 -14.54
CA GLN B 208 1.61 -3.49 -14.00
C GLN B 208 2.99 -2.92 -14.34
N TYR B 209 3.91 -3.74 -14.83
CA TYR B 209 5.25 -3.25 -15.14
C TYR B 209 5.39 -2.79 -16.59
N PHE B 210 4.68 -3.41 -17.52
CA PHE B 210 4.88 -3.11 -18.93
C PHE B 210 4.03 -1.91 -19.31
N HIS B 211 4.65 -0.73 -19.18
CA HIS B 211 4.00 0.53 -19.50
C HIS B 211 5.07 1.49 -20.00
N HIS B 212 4.61 2.63 -20.50
CA HIS B 212 5.48 3.69 -21.03
C HIS B 212 5.48 4.95 -20.15
N VAL B 213 5.15 4.82 -18.87
CA VAL B 213 5.19 5.97 -17.98
C VAL B 213 6.63 6.18 -17.52
N SER B 214 7.17 7.34 -17.85
CA SER B 214 8.49 7.72 -17.39
C SER B 214 8.47 7.92 -15.88
N ASN B 215 9.63 7.75 -15.26
CA ASN B 215 9.82 8.12 -13.86
C ASN B 215 8.93 7.31 -12.92
N THR B 216 9.07 5.97 -13.00
CA THR B 216 8.51 5.13 -11.96
C THR B 216 9.60 4.30 -11.25
N PRO B 217 10.67 4.94 -10.73
CA PRO B 217 11.78 4.15 -10.15
C PRO B 217 11.38 3.29 -8.97
N TYR B 218 10.60 3.83 -8.02
CA TYR B 218 10.22 3.01 -6.87
C TYR B 218 9.21 1.92 -7.26
N GLN B 219 8.20 2.25 -8.07
CA GLN B 219 7.26 1.21 -8.50
C GLN B 219 7.99 0.07 -9.21
N ASP B 220 8.97 0.40 -10.06
CA ASP B 220 9.75 -0.63 -10.75
C ASP B 220 10.46 -1.54 -9.74
N ARG B 221 11.08 -0.94 -8.72
CA ARG B 221 11.74 -1.75 -7.70
C ARG B 221 10.75 -2.55 -6.89
N MET B 222 9.56 -2.02 -6.64
CA MET B 222 8.56 -2.80 -5.91
C MET B 222 8.13 -4.00 -6.71
N CYS B 223 7.88 -3.82 -8.01
CA CYS B 223 7.55 -4.94 -8.88
C CYS B 223 8.67 -5.96 -8.90
N GLU B 224 9.90 -5.49 -9.14
CA GLU B 224 11.04 -6.40 -9.21
C GLU B 224 11.21 -7.12 -7.88
N SER B 225 11.03 -6.39 -6.76
CA SER B 225 11.17 -7.00 -5.45
C SER B 225 10.15 -8.13 -5.25
N LEU B 226 8.90 -7.88 -5.65
CA LEU B 226 7.87 -8.88 -5.49
C LEU B 226 8.18 -10.12 -6.31
N LEU B 227 8.56 -9.94 -7.58
CA LEU B 227 8.90 -11.08 -8.43
C LEU B 227 10.04 -11.89 -7.83
N ARG B 228 11.08 -11.21 -7.33
CA ARG B 228 12.21 -11.92 -6.75
C ARG B 228 11.77 -12.76 -5.55
N THR B 229 10.94 -12.19 -4.68
CA THR B 229 10.46 -12.90 -3.49
C THR B 229 9.70 -14.17 -3.89
N VAL B 230 8.80 -14.06 -4.88
CA VAL B 230 8.06 -15.24 -5.31
C VAL B 230 8.99 -16.27 -5.93
N ILE B 231 9.95 -15.80 -6.74
CA ILE B 231 10.88 -16.71 -7.40
C ILE B 231 11.73 -17.44 -6.38
N GLU B 232 12.15 -16.75 -5.31
CA GLU B 232 12.90 -17.42 -4.25
C GLU B 232 12.01 -18.40 -3.48
N THR B 233 10.74 -18.10 -3.34
CA THR B 233 9.89 -18.86 -2.44
C THR B 233 9.32 -20.11 -3.10
N ALA B 234 8.93 -19.99 -4.38
CA ALA B 234 8.18 -21.04 -5.06
C ALA B 234 8.88 -22.39 -5.04
N PRO B 235 10.18 -22.52 -5.35
CA PRO B 235 10.78 -23.87 -5.33
C PRO B 235 10.74 -24.50 -3.95
N LYS B 236 10.88 -23.69 -2.88
CA LYS B 236 10.83 -24.24 -1.54
C LYS B 236 9.41 -24.61 -1.13
N LEU B 237 8.44 -23.81 -1.55
CA LEU B 237 7.07 -24.05 -1.13
C LEU B 237 6.49 -25.31 -1.73
N ILE B 238 6.71 -25.56 -3.03
CA ILE B 238 5.94 -26.60 -3.73
C ILE B 238 6.23 -28.00 -3.25
N ASN B 239 7.38 -28.23 -2.63
CA ASN B 239 7.70 -29.51 -2.02
C ASN B 239 7.62 -29.44 -0.50
N ASP B 240 6.96 -28.43 0.04
CA ASP B 240 6.83 -28.25 1.48
C ASP B 240 5.56 -27.43 1.73
N LEU B 241 4.42 -27.95 1.28
CA LEU B 241 3.20 -27.18 1.17
C LEU B 241 2.60 -26.77 2.52
N GLU B 242 3.08 -27.34 3.62
CA GLU B 242 2.50 -27.05 4.92
C GLU B 242 3.50 -26.30 5.81
N ASN B 243 4.51 -25.70 5.19
CA ASN B 243 5.45 -24.82 5.86
C ASN B 243 4.79 -23.46 6.05
N TYR B 244 4.55 -23.08 7.31
CA TYR B 244 3.82 -21.85 7.60
C TYR B 244 4.52 -20.63 7.00
N GLU B 245 5.84 -20.53 7.21
CA GLU B 245 6.57 -19.35 6.77
C GLU B 245 6.51 -19.16 5.26
N LEU B 246 6.64 -20.24 4.49
CA LEU B 246 6.59 -20.09 3.04
C LEU B 246 5.18 -19.72 2.57
N ARG B 247 4.16 -20.35 3.15
CA ARG B 247 2.78 -19.99 2.82
C ARG B 247 2.46 -18.56 3.25
N GLU B 248 3.00 -18.14 4.39
CA GLU B 248 2.80 -16.76 4.85
C GLU B 248 3.34 -15.76 3.83
N THR B 249 4.55 -16.01 3.31
CA THR B 249 5.17 -15.10 2.36
C THR B 249 4.35 -14.99 1.07
N ILE B 250 3.90 -16.11 0.53
CA ILE B 250 3.12 -16.05 -0.71
C ILE B 250 1.76 -15.39 -0.45
N LEU B 251 1.18 -15.64 0.72
CA LEU B 251 -0.10 -14.99 1.04
C LEU B 251 0.08 -13.48 1.17
N TYR B 252 1.14 -13.06 1.86
CA TYR B 252 1.38 -11.63 2.03
C TYR B 252 1.64 -10.95 0.68
N THR B 253 2.57 -11.51 -0.10
CA THR B 253 2.88 -10.89 -1.38
C THR B 253 1.72 -11.00 -2.38
N GLY B 254 0.88 -12.04 -2.27
CA GLY B 254 -0.27 -12.09 -3.17
C GLY B 254 -1.38 -11.11 -2.85
N THR B 255 -1.49 -10.66 -1.60
CA THR B 255 -2.59 -9.80 -1.18
C THR B 255 -2.10 -8.38 -1.00
N ILE B 256 -1.57 -8.01 0.17
CA ILE B 256 -1.27 -6.61 0.52
C ILE B 256 -0.19 -6.03 -0.36
N ALA B 257 0.80 -6.85 -0.71
CA ALA B 257 1.88 -6.34 -1.55
C ALA B 257 1.38 -6.03 -2.95
N LEU B 258 0.50 -6.87 -3.49
CA LEU B 258 0.15 -6.71 -4.90
C LEU B 258 -0.96 -5.69 -5.10
N ASN B 259 -1.85 -5.54 -4.12
CA ASN B 259 -2.85 -4.47 -4.13
C ASN B 259 -2.41 -3.36 -3.21
N GLY B 260 -1.16 -2.98 -3.36
CA GLY B 260 -0.60 -1.79 -2.78
C GLY B 260 -0.55 -0.68 -3.81
N MET B 261 0.48 0.15 -3.71
CA MET B 261 0.70 1.20 -4.69
C MET B 261 1.46 0.71 -5.92
N LEU B 262 1.46 -0.60 -6.20
CA LEU B 262 2.09 -1.05 -7.44
C LEU B 262 1.41 -0.45 -8.66
N SER B 263 0.08 -0.32 -8.63
CA SER B 263 -0.52 0.34 -9.77
C SER B 263 -0.55 1.84 -9.58
N MET B 264 -0.24 2.31 -8.37
CA MET B 264 -0.25 3.74 -8.04
C MET B 264 1.06 4.37 -8.49
N ARG B 267 -0.22 2.81 -15.48
CA ARG B 267 -1.40 2.09 -15.93
C ARG B 267 -0.94 0.78 -16.57
N GLY B 268 -1.49 -0.33 -16.10
CA GLY B 268 -1.06 -1.62 -16.58
C GLY B 268 -1.54 -1.93 -17.98
N ASP B 269 -0.90 -2.95 -18.58
CA ASP B 269 -1.21 -3.33 -19.96
C ASP B 269 -2.45 -4.21 -20.04
N TRP B 270 -2.40 -5.40 -19.42
CA TRP B 270 -3.53 -6.34 -19.29
C TRP B 270 -3.95 -7.00 -20.59
N ALA B 271 -3.14 -6.90 -21.66
CA ALA B 271 -3.52 -7.57 -22.91
C ALA B 271 -3.41 -9.08 -22.79
N THR B 272 -2.38 -9.58 -22.12
CA THR B 272 -2.24 -11.02 -21.96
C THR B 272 -3.43 -11.61 -21.21
N HIS B 273 -3.87 -10.94 -20.15
CA HIS B 273 -5.09 -11.37 -19.49
C HIS B 273 -6.29 -11.37 -20.43
N ASN B 274 -6.46 -10.33 -21.24
CA ASN B 274 -7.62 -10.27 -22.13
C ASN B 274 -7.62 -11.42 -23.13
N ILE B 275 -6.45 -11.79 -23.62
CA ILE B 275 -6.36 -12.93 -24.52
C ILE B 275 -6.69 -14.21 -23.78
N GLU B 276 -6.16 -14.38 -22.56
CA GLU B 276 -6.47 -15.56 -21.76
C GLU B 276 -7.97 -15.66 -21.51
N HIS B 277 -8.62 -14.53 -21.20
CA HIS B 277 -10.05 -14.55 -20.96
C HIS B 277 -10.81 -15.04 -22.18
N ALA B 278 -10.38 -14.63 -23.38
CA ALA B 278 -11.02 -15.10 -24.59
C ALA B 278 -10.84 -16.60 -24.77
N VAL B 279 -9.61 -17.08 -24.67
CA VAL B 279 -9.32 -18.54 -24.78
C VAL B 279 -10.16 -19.30 -23.75
N SER B 280 -10.21 -18.80 -22.52
CA SER B 280 -11.03 -19.46 -21.48
C SER B 280 -12.51 -19.41 -21.89
N VAL B 282 -14.96 -20.15 -23.51
CA VAL B 282 -14.67 -21.11 -24.61
C VAL B 282 -14.14 -22.44 -24.06
N TYR B 283 -12.87 -22.50 -23.65
CA TYR B 283 -12.28 -23.80 -23.25
C TYR B 283 -12.36 -24.04 -21.74
N ASP B 284 -12.69 -23.04 -20.94
CA ASP B 284 -12.82 -23.19 -19.48
C ASP B 284 -11.57 -23.86 -18.90
N ILE B 285 -10.42 -23.21 -19.11
CA ILE B 285 -9.11 -23.74 -18.72
C ILE B 285 -8.64 -23.00 -17.49
N PRO B 286 -7.61 -23.50 -16.79
CA PRO B 286 -7.04 -22.73 -15.66
C PRO B 286 -6.52 -21.38 -16.14
N HIS B 287 -7.00 -20.33 -15.48
CA HIS B 287 -6.62 -18.96 -15.83
C HIS B 287 -5.11 -18.80 -15.84
N ALA B 288 -4.45 -19.10 -14.72
CA ALA B 288 -3.01 -18.91 -14.66
C ALA B 288 -2.26 -19.90 -15.55
N GLY B 289 -2.87 -21.05 -15.87
CA GLY B 289 -2.25 -21.93 -16.85
C GLY B 289 -2.17 -21.28 -18.21
N GLY B 290 -3.28 -20.66 -18.64
CA GLY B 290 -3.27 -19.89 -19.87
C GLY B 290 -2.25 -18.77 -19.85
N LEU B 291 -2.10 -18.09 -18.69
CA LEU B 291 -1.15 -16.99 -18.61
C LEU B 291 0.29 -17.48 -18.80
N ALA B 292 0.64 -18.61 -18.17
CA ALA B 292 1.99 -19.15 -18.31
C ALA B 292 2.32 -19.48 -19.75
N ILE B 293 1.32 -19.92 -20.53
CA ILE B 293 1.56 -20.19 -21.94
C ILE B 293 1.73 -18.88 -22.71
N LEU B 294 0.80 -17.95 -22.50
CA LEU B 294 0.70 -16.79 -23.39
C LEU B 294 1.70 -15.69 -23.04
N PHE B 295 1.94 -15.44 -21.75
CA PHE B 295 2.72 -14.26 -21.36
C PHE B 295 4.11 -14.22 -21.99
N PRO B 296 4.91 -15.27 -21.96
CA PRO B 296 6.22 -15.19 -22.63
C PRO B 296 6.13 -14.84 -24.09
N ASN B 297 5.09 -15.28 -24.79
CA ASN B 297 4.96 -14.97 -26.21
C ASN B 297 4.46 -13.55 -26.44
N TRP B 298 3.60 -13.03 -25.57
CA TRP B 298 3.28 -11.59 -25.60
C TRP B 298 4.53 -10.75 -25.37
N MET B 299 5.37 -11.16 -24.41
CA MET B 299 6.60 -10.42 -24.15
C MET B 299 7.50 -10.41 -25.38
N ARG B 300 7.59 -11.56 -26.07
CA ARG B 300 8.35 -11.60 -27.31
C ARG B 300 7.69 -10.73 -28.38
N HIS B 301 6.36 -10.81 -28.50
CA HIS B 301 5.65 -10.09 -29.55
C HIS B 301 5.82 -8.58 -29.38
N THR B 302 5.83 -8.10 -28.14
CA THR B 302 5.85 -6.66 -27.88
C THR B 302 7.21 -6.11 -27.51
N LEU B 303 8.26 -6.95 -27.50
CA LEU B 303 9.57 -6.54 -27.01
C LEU B 303 10.04 -5.25 -27.66
N SER B 304 9.82 -5.12 -28.96
CA SER B 304 10.35 -4.01 -29.75
C SER B 304 9.76 -2.67 -29.33
N GLU B 305 8.54 -2.67 -28.76
CA GLU B 305 7.95 -1.40 -28.35
C GLU B 305 8.88 -0.65 -27.40
N ASN B 306 9.62 -1.38 -26.59
CA ASN B 306 10.64 -0.85 -25.71
C ASN B 306 11.38 -2.02 -25.07
N PRO B 307 12.48 -2.48 -25.65
CA PRO B 307 13.20 -3.62 -25.06
C PRO B 307 13.73 -3.34 -23.66
N ALA B 308 13.89 -2.05 -23.28
CA ALA B 308 14.44 -1.72 -21.98
C ALA B 308 13.60 -2.26 -20.84
N ARG B 309 12.27 -2.36 -21.02
CA ARG B 309 11.43 -2.85 -19.92
C ARG B 309 11.75 -4.31 -19.62
N MET B 310 11.65 -5.17 -20.63
CA MET B 310 11.98 -6.57 -20.41
C MET B 310 13.46 -6.75 -20.09
N LYS B 311 14.33 -5.93 -20.68
CA LYS B 311 15.75 -6.02 -20.32
C LYS B 311 15.96 -5.82 -18.82
N GLN B 312 15.26 -4.84 -18.24
CA GLN B 312 15.42 -4.52 -16.82
C GLN B 312 14.96 -5.68 -15.95
N LEU B 313 13.86 -6.34 -16.33
CA LEU B 313 13.44 -7.58 -15.67
C LEU B 313 14.49 -8.66 -15.83
N ALA B 314 15.05 -8.82 -17.04
CA ALA B 314 16.05 -9.85 -17.25
C ALA B 314 17.25 -9.66 -16.32
N VAL B 315 17.72 -8.43 -16.17
CA VAL B 315 18.92 -8.17 -15.35
C VAL B 315 18.58 -8.12 -13.86
N ARG B 316 17.53 -7.41 -13.46
CA ARG B 316 17.30 -7.21 -12.05
C ARG B 316 16.56 -8.37 -11.39
N VAL B 317 15.80 -9.15 -12.15
CA VAL B 317 15.01 -10.24 -11.59
C VAL B 317 15.58 -11.61 -11.96
N PHE B 318 15.94 -11.81 -13.22
CA PHE B 318 16.24 -13.16 -13.68
C PHE B 318 17.74 -13.45 -13.82
N GLY B 319 18.60 -12.58 -13.29
CA GLY B 319 20.03 -12.87 -13.27
C GLY B 319 20.69 -13.02 -14.62
N VAL B 320 20.18 -12.34 -15.65
CA VAL B 320 20.80 -12.42 -16.97
C VAL B 320 21.99 -11.47 -17.03
N GLU B 321 23.13 -11.98 -17.52
CA GLU B 321 24.35 -11.19 -17.69
C GLU B 321 24.36 -10.52 -19.06
N GLU B 322 24.56 -9.20 -19.08
CA GLU B 322 24.42 -8.48 -20.34
C GLU B 322 25.68 -8.49 -21.19
N ALA B 323 26.79 -8.99 -20.67
CA ALA B 323 28.07 -8.92 -21.37
C ALA B 323 27.96 -9.45 -22.79
N GLY B 324 28.30 -8.59 -23.75
CA GLY B 324 28.35 -8.97 -25.16
C GLY B 324 27.03 -9.36 -25.78
N LYS B 325 25.93 -8.75 -25.32
CA LYS B 325 24.61 -8.99 -25.88
C LYS B 325 23.93 -7.66 -26.13
N THR B 326 23.07 -7.66 -27.15
CA THR B 326 22.24 -6.50 -27.39
C THR B 326 21.13 -6.42 -26.34
N ASP B 327 20.52 -5.25 -26.24
CA ASP B 327 19.39 -5.10 -25.33
C ASP B 327 18.30 -6.10 -25.65
N LYS B 328 18.05 -6.34 -26.94
CA LYS B 328 17.06 -7.33 -27.35
C LYS B 328 17.46 -8.72 -26.91
N GLU B 329 18.73 -9.08 -27.11
CA GLU B 329 19.23 -10.39 -26.70
C GLU B 329 19.05 -10.61 -25.20
N VAL B 330 19.49 -9.64 -24.39
CA VAL B 330 19.35 -9.77 -22.93
C VAL B 330 17.89 -9.99 -22.54
N ALA B 331 16.97 -9.23 -23.14
CA ALA B 331 15.55 -9.37 -22.84
C ALA B 331 15.02 -10.74 -23.22
N LEU B 332 15.35 -11.22 -24.42
CA LEU B 332 14.86 -12.51 -24.90
C LEU B 332 15.40 -13.65 -24.05
N GLU B 333 16.64 -13.52 -23.57
CA GLU B 333 17.15 -14.47 -22.58
C GLU B 333 16.31 -14.43 -21.31
N GLY B 334 15.91 -13.23 -20.88
CA GLY B 334 15.10 -13.12 -19.68
C GLY B 334 13.75 -13.79 -19.83
N ILE B 335 13.15 -13.67 -21.01
CA ILE B 335 11.88 -14.35 -21.27
C ILE B 335 12.04 -15.85 -21.19
N ASP B 336 13.15 -16.37 -21.73
CA ASP B 336 13.39 -17.81 -21.70
C ASP B 336 13.55 -18.34 -20.29
N LYS B 337 14.28 -17.62 -19.45
CA LYS B 337 14.42 -18.02 -18.04
C LYS B 337 13.08 -17.95 -17.32
N LEU B 338 12.25 -16.94 -17.62
CA LEU B 338 10.93 -16.90 -17.00
C LEU B 338 10.14 -18.15 -17.35
N SER B 339 10.04 -18.46 -18.64
CA SER B 339 9.24 -19.60 -19.08
C SER B 339 9.81 -20.90 -18.51
N ALA B 340 11.14 -21.04 -18.50
CA ALA B 340 11.77 -22.22 -17.92
C ALA B 340 11.50 -22.29 -16.42
N PHE B 341 11.50 -21.13 -15.74
CA PHE B 341 11.21 -21.11 -14.31
C PHE B 341 9.82 -21.65 -14.05
N TRP B 342 8.82 -21.08 -14.74
CA TRP B 342 7.45 -21.55 -14.60
C TRP B 342 7.33 -23.01 -14.99
N THR B 343 7.96 -23.42 -16.10
CA THR B 343 7.88 -24.82 -16.53
C THR B 343 8.56 -25.74 -15.50
N SER B 344 9.65 -25.29 -14.89
CA SER B 344 10.26 -26.09 -13.85
C SER B 344 9.33 -26.31 -12.66
N LEU B 345 8.36 -25.41 -12.44
CA LEU B 345 7.37 -25.64 -11.40
C LEU B 345 6.25 -26.62 -11.81
N GLY B 346 6.11 -26.93 -13.09
CA GLY B 346 5.03 -27.77 -13.58
C GLY B 346 3.98 -27.03 -14.38
N ALA B 347 4.14 -25.71 -14.55
CA ALA B 347 3.21 -24.93 -15.33
C ALA B 347 3.34 -25.28 -16.82
N PRO B 348 2.23 -25.25 -17.56
CA PRO B 348 2.29 -25.54 -18.99
C PRO B 348 2.89 -24.40 -19.78
N ASN B 349 3.22 -24.69 -21.05
CA ASN B 349 3.84 -23.66 -21.87
C ASN B 349 3.37 -23.66 -23.32
N ARG B 350 2.47 -24.54 -23.73
CA ARG B 350 1.93 -24.56 -25.08
C ARG B 350 0.44 -24.84 -25.02
N LEU B 351 -0.30 -24.31 -26.00
CA LEU B 351 -1.74 -24.60 -26.09
C LEU B 351 -2.01 -26.10 -26.16
N ALA B 352 -1.09 -26.90 -26.68
CA ALA B 352 -1.31 -28.34 -26.75
C ALA B 352 -1.34 -28.99 -25.37
N ASP B 353 -0.74 -28.37 -24.35
CA ASP B 353 -0.75 -28.94 -23.01
C ASP B 353 -2.17 -29.11 -22.47
N TYR B 354 -3.08 -28.23 -22.86
CA TYR B 354 -4.50 -28.37 -22.53
C TYR B 354 -5.29 -28.98 -23.68
N ASP B 355 -4.60 -29.62 -24.64
CA ASP B 355 -5.24 -30.25 -25.80
C ASP B 355 -6.03 -29.23 -26.65
N ILE B 356 -5.44 -28.06 -26.86
CA ILE B 356 -6.04 -27.01 -27.68
C ILE B 356 -5.24 -26.88 -28.97
N ASN B 357 -5.92 -27.03 -30.11
CA ASN B 357 -5.33 -26.90 -31.42
C ASN B 357 -5.65 -25.51 -32.00
N ASP B 358 -5.53 -25.37 -33.32
CA ASP B 358 -5.74 -24.08 -33.96
C ASP B 358 -7.14 -23.91 -34.51
N GLU B 359 -8.07 -24.81 -34.16
CA GLU B 359 -9.38 -24.83 -34.81
C GLU B 359 -10.17 -23.55 -34.53
N GLN B 360 -10.17 -23.08 -33.28
CA GLN B 360 -11.01 -21.96 -32.90
C GLN B 360 -10.22 -20.68 -32.65
N LEU B 361 -8.98 -20.61 -33.15
CA LEU B 361 -8.13 -19.45 -32.87
C LEU B 361 -8.77 -18.16 -33.40
N ASP B 362 -9.37 -18.22 -34.59
CA ASP B 362 -10.03 -17.03 -35.14
C ASP B 362 -11.21 -16.62 -34.28
N THR B 363 -12.03 -17.60 -33.85
CA THR B 363 -13.14 -17.31 -32.95
C THR B 363 -12.65 -16.75 -31.62
N ILE B 364 -11.53 -17.27 -31.11
CA ILE B 364 -10.98 -16.75 -29.86
C ILE B 364 -10.50 -15.32 -30.04
N ALA B 365 -9.74 -15.06 -31.11
CA ALA B 365 -9.25 -13.71 -31.36
C ALA B 365 -10.39 -12.72 -31.55
N ASP B 366 -11.44 -13.12 -32.28
CA ASP B 366 -12.58 -12.23 -32.47
C ASP B 366 -13.22 -11.83 -31.14
N LYS B 367 -13.35 -12.78 -30.22
CA LYS B 367 -13.86 -12.46 -28.90
C LYS B 367 -12.94 -11.47 -28.18
N ALA B 368 -11.62 -11.69 -28.28
CA ALA B 368 -10.67 -10.77 -27.65
C ALA B 368 -10.79 -9.36 -28.20
N MET B 369 -11.18 -9.22 -29.47
CA MET B 369 -11.30 -7.93 -30.14
C MET B 369 -12.71 -7.37 -30.10
N ALA B 370 -13.61 -8.00 -29.33
CA ALA B 370 -15.03 -7.63 -29.35
C ALA B 370 -15.25 -6.21 -28.86
N ASN B 371 -14.39 -5.71 -27.99
CA ASN B 371 -14.50 -4.34 -27.48
C ASN B 371 -13.46 -3.41 -28.12
N GLY B 372 -12.95 -3.77 -29.30
CA GLY B 372 -11.95 -2.99 -30.00
C GLY B 372 -10.53 -3.37 -29.63
N THR B 373 -9.59 -2.58 -30.16
CA THR B 373 -8.17 -2.77 -29.85
C THR B 373 -7.94 -2.60 -28.36
N PHE B 374 -6.91 -3.29 -27.85
CA PHE B 374 -6.65 -3.31 -26.42
C PHE B 374 -5.15 -3.40 -26.16
N GLY B 375 -4.76 -2.93 -24.99
CA GLY B 375 -3.38 -2.92 -24.55
C GLY B 375 -2.85 -1.50 -24.44
N GLN B 376 -1.88 -1.33 -23.52
CA GLN B 376 -1.22 -0.05 -23.30
C GLN B 376 0.25 -0.07 -23.70
N PHE B 377 0.99 -1.13 -23.34
CA PHE B 377 2.35 -1.27 -23.82
C PHE B 377 2.39 -1.41 -25.35
N LYS B 378 1.42 -2.15 -25.91
CA LYS B 378 1.14 -2.18 -27.34
C LYS B 378 -0.35 -2.33 -27.52
N SER B 379 -0.94 -1.50 -28.37
CA SER B 379 -2.35 -1.64 -28.71
C SER B 379 -2.50 -2.75 -29.73
N LEU B 380 -3.20 -3.82 -29.37
CA LEU B 380 -3.22 -5.02 -30.21
C LEU B 380 -4.35 -5.05 -31.26
N GLU B 383 -5.32 -9.06 -35.23
CA GLU B 383 -4.19 -9.67 -35.91
C GLU B 383 -3.00 -9.91 -35.00
N ASP B 384 -2.74 -8.95 -34.09
CA ASP B 384 -1.74 -9.19 -33.05
C ASP B 384 -2.15 -10.36 -32.19
N VAL B 385 -3.43 -10.41 -31.82
CA VAL B 385 -3.96 -11.47 -30.98
C VAL B 385 -3.73 -12.83 -31.65
N LEU B 386 -4.08 -12.93 -32.93
CA LEU B 386 -3.91 -14.18 -33.67
C LEU B 386 -2.44 -14.59 -33.72
N ALA B 387 -1.54 -13.63 -33.94
CA ALA B 387 -0.12 -13.96 -33.98
C ALA B 387 0.36 -14.52 -32.65
N ILE B 388 -0.05 -13.90 -31.55
CA ILE B 388 0.36 -14.39 -30.24
C ILE B 388 -0.21 -15.79 -30.00
N LEU B 389 -1.48 -15.98 -30.38
CA LEU B 389 -2.10 -17.30 -30.22
C LEU B 389 -1.33 -18.35 -30.99
N LYS B 390 -0.97 -18.04 -32.24
CA LYS B 390 -0.23 -19.00 -33.06
C LYS B 390 1.13 -19.33 -32.46
N ALA B 391 1.81 -18.32 -31.89
CA ALA B 391 3.11 -18.58 -31.27
C ALA B 391 2.99 -19.47 -30.05
N SER B 392 1.78 -19.64 -29.51
CA SER B 392 1.58 -20.41 -28.29
C SER B 392 1.15 -21.84 -28.60
#